data_3H8L
#
_entry.id   3H8L
#
_cell.length_a   179.657
_cell.length_b   179.657
_cell.length_c   163.397
_cell.angle_alpha   90.00
_cell.angle_beta   90.00
_cell.angle_gamma   120.00
#
_symmetry.space_group_name_H-M   'P 65 2 2'
#
loop_
_entity.id
_entity.type
_entity.pdbx_description
1 polymer 'NADH oxidase'
2 non-polymer 'FLAVIN-ADENINE DINUCLEOTIDE'
3 non-polymer trisulfane
4 non-polymer 'PHOSPHATE ION'
5 water water
#
_entity_poly.entity_id   1
_entity_poly.type   'polypeptide(L)'
_entity_poly.pdbx_seq_one_letter_code
;MTKVLVLGGRFGALTAAYTLKRLVGSKADVKVINKSRFSYFRPALPHVAIGVRDVDELKVDLSEALPEKGIQFQEGTVEK
IDAKSSMVYYTKPDGSMAEEEYDYVIVGIGAHLATELVKGWDKYGYSVCEPEFATKLREKLESFQGGNIAIGSGPFYQGH
NPKPKVPENFVPNADSACEGPVFEMSLMLHGYFKKKGMLDKVHVTVFSPGEYLSDLSPNSRKAVASIYNQLGIKLVHNFK
IKEIREHEIVDEKGNTIPADITILLPPYTGNPALKNSTPDLVDDGGFIPTDLNMVSIKYDNVYAVGDANSMTVPKLGYLA
VMTGRIAAQHLANRLGVPTKVDKYYPTIVCVADNPYEGYAVSVKDDTWYGGTVSIADPAAVNHLKKELFTKYYMWTKGDM
ALEKFLASW
;
_entity_poly.pdbx_strand_id   A,B
#
# COMPACT_ATOMS: atom_id res chain seq x y z
N THR A 2 22.48 15.76 -32.68
CA THR A 2 21.42 16.08 -31.72
C THR A 2 22.01 16.31 -30.34
N LYS A 3 21.66 17.44 -29.73
CA LYS A 3 22.14 17.77 -28.39
C LYS A 3 20.98 17.72 -27.39
N VAL A 4 21.11 16.86 -26.38
CA VAL A 4 20.09 16.69 -25.34
C VAL A 4 20.66 17.13 -23.99
N LEU A 5 20.05 18.16 -23.41
CA LEU A 5 20.47 18.62 -22.09
C LEU A 5 19.55 17.99 -21.05
N VAL A 6 20.14 17.44 -20.00
CA VAL A 6 19.37 16.84 -18.91
C VAL A 6 19.68 17.66 -17.68
N LEU A 7 18.67 18.28 -17.09
CA LEU A 7 18.86 19.14 -15.94
C LEU A 7 18.58 18.45 -14.59
N GLY A 8 19.56 18.49 -13.69
CA GLY A 8 19.44 17.87 -12.38
C GLY A 8 20.28 16.60 -12.26
N GLY A 9 20.39 16.04 -11.05
CA GLY A 9 21.21 14.86 -10.85
C GLY A 9 20.74 13.76 -9.92
N ARG A 10 19.44 13.50 -9.88
CA ARG A 10 18.93 12.42 -9.05
C ARG A 10 18.00 11.47 -9.76
N PHE A 11 16.94 11.07 -9.09
CA PHE A 11 16.05 10.07 -9.67
C PHE A 11 15.59 10.34 -11.08
N GLY A 12 14.97 11.49 -11.31
CA GLY A 12 14.44 11.82 -12.63
C GLY A 12 15.52 12.05 -13.67
N ALA A 13 16.54 12.82 -13.32
CA ALA A 13 17.60 13.17 -14.24
C ALA A 13 18.46 11.98 -14.64
N LEU A 14 19.04 11.31 -13.65
CA LEU A 14 19.90 10.17 -13.89
C LEU A 14 19.18 9.07 -14.65
N THR A 15 17.93 8.81 -14.32
CA THR A 15 17.18 7.78 -15.03
C THR A 15 17.04 8.13 -16.50
N ALA A 16 16.70 9.38 -16.79
CA ALA A 16 16.52 9.83 -18.16
C ALA A 16 17.83 9.83 -18.95
N ALA A 17 18.88 10.38 -18.36
CA ALA A 17 20.19 10.43 -19.00
C ALA A 17 20.69 9.04 -19.38
N TYR A 18 20.92 8.19 -18.37
CA TYR A 18 21.37 6.82 -18.60
C TYR A 18 20.47 6.03 -19.55
N THR A 19 19.16 6.13 -19.35
CA THR A 19 18.24 5.40 -20.21
C THR A 19 18.34 5.88 -21.67
N LEU A 20 18.45 7.20 -21.85
CA LEU A 20 18.56 7.79 -23.17
C LEU A 20 19.87 7.39 -23.86
N LYS A 21 20.99 7.63 -23.18
CA LYS A 21 22.28 7.29 -23.75
C LYS A 21 22.38 5.83 -24.16
N ARG A 22 21.88 4.93 -23.31
CA ARG A 22 21.92 3.50 -23.58
C ARG A 22 21.06 3.13 -24.79
N LEU A 23 19.97 3.87 -24.98
CA LEU A 23 19.06 3.59 -26.09
C LEU A 23 19.50 4.13 -27.46
N VAL A 24 20.07 5.33 -27.49
CA VAL A 24 20.46 5.97 -28.76
C VAL A 24 21.96 6.01 -29.01
N GLY A 25 22.75 5.72 -27.98
CA GLY A 25 24.19 5.72 -28.09
C GLY A 25 24.75 7.01 -28.70
N SER A 26 25.34 6.89 -29.88
CA SER A 26 25.98 8.01 -30.56
C SER A 26 25.02 8.89 -31.34
N LYS A 27 23.77 8.45 -31.48
CA LYS A 27 22.77 9.22 -32.21
C LYS A 27 22.46 10.58 -31.58
N ALA A 28 23.09 10.87 -30.44
CA ALA A 28 22.85 12.12 -29.72
C ALA A 28 23.88 12.39 -28.64
N ASP A 29 24.12 13.66 -28.35
CA ASP A 29 25.03 14.05 -27.27
C ASP A 29 24.17 14.35 -26.06
N VAL A 30 24.38 13.59 -24.99
CA VAL A 30 23.65 13.76 -23.76
C VAL A 30 24.55 14.44 -22.75
N LYS A 31 24.14 15.62 -22.30
CA LYS A 31 24.93 16.37 -21.32
C LYS A 31 24.04 16.68 -20.13
N VAL A 32 24.59 16.51 -18.93
CA VAL A 32 23.87 16.75 -17.68
C VAL A 32 24.38 18.02 -17.03
N ILE A 33 23.47 18.87 -16.57
CA ILE A 33 23.85 20.08 -15.85
C ILE A 33 23.20 19.99 -14.48
N ASN A 34 24.03 19.95 -13.43
CA ASN A 34 23.56 19.84 -12.06
C ASN A 34 24.21 20.88 -11.18
N LYS A 35 23.45 21.40 -10.20
CA LYS A 35 24.00 22.44 -9.32
C LYS A 35 25.13 21.98 -8.42
N SER A 36 25.38 20.68 -8.38
CA SER A 36 26.48 20.14 -7.58
C SER A 36 27.16 18.97 -8.28
N ARG A 37 28.38 18.69 -7.85
CA ARG A 37 29.18 17.62 -8.44
C ARG A 37 28.77 16.24 -7.95
N PHE A 38 28.31 16.17 -6.70
CA PHE A 38 27.89 14.92 -6.10
C PHE A 38 26.40 14.83 -5.85
N SER A 39 25.89 13.61 -5.97
CA SER A 39 24.50 13.30 -5.68
C SER A 39 24.49 12.21 -4.60
N TYR A 40 23.75 12.43 -3.52
CA TYR A 40 23.71 11.45 -2.44
C TYR A 40 22.37 10.73 -2.37
N PHE A 41 22.42 9.45 -2.03
CA PHE A 41 21.23 8.65 -1.92
C PHE A 41 21.23 7.85 -0.61
N ARG A 42 20.44 8.31 0.35
CA ARG A 42 20.31 7.65 1.64
C ARG A 42 18.94 6.96 1.73
N PRO A 43 18.56 6.50 2.92
CA PRO A 43 17.24 5.89 3.07
C PRO A 43 16.23 6.99 3.41
N ALA A 44 15.02 6.87 2.87
CA ALA A 44 13.96 7.87 3.06
C ALA A 44 13.85 8.33 4.50
N LEU A 45 13.62 7.36 5.39
CA LEU A 45 13.48 7.64 6.82
C LEU A 45 14.64 7.02 7.59
N PRO A 46 15.14 7.73 8.61
CA PRO A 46 16.24 7.36 9.50
C PRO A 46 15.99 6.04 10.25
N HIS A 47 17.01 5.58 10.96
CA HIS A 47 16.93 4.34 11.74
C HIS A 47 17.11 4.66 13.22
N VAL A 48 16.03 5.11 13.84
CA VAL A 48 16.07 5.48 15.26
C VAL A 48 16.02 4.24 16.17
N ALA A 49 17.16 3.58 16.32
CA ALA A 49 17.29 2.39 17.15
C ALA A 49 18.12 2.69 18.41
N ILE A 50 17.94 1.87 19.44
CA ILE A 50 18.65 2.07 20.70
C ILE A 50 20.07 1.49 20.66
N GLY A 51 21.05 2.37 20.67
CA GLY A 51 22.45 1.99 20.63
C GLY A 51 22.93 1.45 19.29
N VAL A 52 22.09 1.51 18.25
CA VAL A 52 22.44 1.01 16.93
C VAL A 52 22.21 2.02 15.81
N ARG A 53 23.27 2.69 15.36
CA ARG A 53 23.19 3.65 14.26
C ARG A 53 23.62 3.03 12.93
N ASP A 54 22.66 2.85 12.02
CA ASP A 54 22.92 2.22 10.72
C ASP A 54 23.17 3.19 9.57
N VAL A 55 24.43 3.54 9.33
CA VAL A 55 24.79 4.42 8.22
C VAL A 55 24.71 3.68 6.87
N ASP A 56 24.19 4.35 5.86
CA ASP A 56 24.03 3.70 4.57
C ASP A 56 23.73 4.71 3.47
N GLU A 57 24.77 5.20 2.81
CA GLU A 57 24.59 6.17 1.76
C GLU A 57 25.42 5.91 0.52
N LEU A 58 24.83 6.22 -0.63
CA LEU A 58 25.47 6.08 -1.92
C LEU A 58 25.90 7.49 -2.36
N LYS A 59 27.19 7.69 -2.58
CA LYS A 59 27.67 9.01 -3.01
C LYS A 59 28.20 8.98 -4.45
N VAL A 60 27.45 9.57 -5.38
CA VAL A 60 27.80 9.58 -6.80
C VAL A 60 28.52 10.85 -7.23
N ASP A 61 29.67 10.68 -7.88
CA ASP A 61 30.45 11.81 -8.40
C ASP A 61 30.07 11.90 -9.88
N LEU A 62 29.16 12.81 -10.18
CA LEU A 62 28.62 12.97 -11.53
C LEU A 62 29.67 13.21 -12.60
N SER A 63 30.74 13.92 -12.24
CA SER A 63 31.83 14.21 -13.17
C SER A 63 32.57 12.98 -13.64
N GLU A 64 32.61 11.94 -12.81
CA GLU A 64 33.29 10.69 -13.15
C GLU A 64 32.31 9.61 -13.54
N ALA A 65 31.21 9.51 -12.80
CA ALA A 65 30.21 8.49 -13.07
C ALA A 65 29.54 8.63 -14.43
N LEU A 66 29.30 9.85 -14.85
CA LEU A 66 28.58 10.12 -16.10
C LEU A 66 29.42 9.89 -17.36
N PRO A 67 30.58 10.56 -17.46
CA PRO A 67 31.43 10.34 -18.64
C PRO A 67 31.68 8.86 -18.87
N GLU A 68 31.88 8.12 -17.79
CA GLU A 68 32.08 6.68 -17.86
C GLU A 68 30.94 5.97 -18.63
N LYS A 69 29.86 6.69 -18.91
CA LYS A 69 28.74 6.08 -19.62
C LYS A 69 28.41 6.79 -20.93
N GLY A 70 29.29 7.69 -21.33
CA GLY A 70 29.12 8.43 -22.57
C GLY A 70 28.25 9.66 -22.41
N ILE A 71 28.14 10.14 -21.18
CA ILE A 71 27.31 11.29 -20.84
C ILE A 71 28.23 12.39 -20.34
N GLN A 72 28.16 13.57 -20.95
CA GLN A 72 29.00 14.67 -20.52
C GLN A 72 28.38 15.28 -19.28
N PHE A 73 29.18 15.98 -18.48
CA PHE A 73 28.67 16.61 -17.27
C PHE A 73 29.19 18.02 -17.09
N GLN A 74 28.29 18.92 -16.71
CA GLN A 74 28.67 20.30 -16.43
C GLN A 74 27.98 20.74 -15.13
N GLU A 75 28.76 21.20 -14.18
CA GLU A 75 28.21 21.68 -12.93
C GLU A 75 27.80 23.13 -13.09
N GLY A 76 26.59 23.44 -12.66
CA GLY A 76 26.05 24.78 -12.78
C GLY A 76 24.63 24.83 -12.28
N THR A 77 24.23 26.01 -11.83
CA THR A 77 22.91 26.23 -11.28
C THR A 77 22.03 26.90 -12.31
N VAL A 78 21.05 26.16 -12.82
CA VAL A 78 20.11 26.70 -13.79
C VAL A 78 19.38 27.90 -13.19
N GLU A 79 19.28 28.99 -13.96
CA GLU A 79 18.59 30.20 -13.50
C GLU A 79 17.24 30.36 -14.19
N LYS A 80 17.16 29.85 -15.42
CA LYS A 80 15.93 29.85 -16.17
C LYS A 80 16.13 29.08 -17.47
N ILE A 81 15.01 28.69 -18.07
CA ILE A 81 14.99 28.01 -19.36
C ILE A 81 14.18 28.91 -20.28
N ASP A 82 14.73 29.25 -21.45
CA ASP A 82 14.02 30.03 -22.43
C ASP A 82 13.54 29.03 -23.47
N ALA A 83 12.29 28.59 -23.29
CA ALA A 83 11.71 27.58 -24.16
C ALA A 83 11.55 28.08 -25.59
N LYS A 84 11.35 29.40 -25.73
CA LYS A 84 11.14 30.00 -27.05
C LYS A 84 12.39 29.92 -27.92
N SER A 85 13.54 30.20 -27.33
CA SER A 85 14.80 30.10 -28.04
C SER A 85 15.55 28.80 -27.77
N SER A 86 15.00 27.93 -26.92
CA SER A 86 15.65 26.67 -26.58
C SER A 86 17.02 26.87 -25.96
N MET A 87 17.09 27.74 -24.96
CA MET A 87 18.33 28.02 -24.26
C MET A 87 18.18 27.74 -22.76
N VAL A 88 19.25 27.25 -22.15
CA VAL A 88 19.27 27.05 -20.71
C VAL A 88 20.32 27.99 -20.14
N TYR A 89 19.90 28.86 -19.24
CA TYR A 89 20.81 29.79 -18.60
C TYR A 89 21.22 29.22 -17.26
N TYR A 90 22.52 29.25 -16.97
CA TYR A 90 23.01 28.74 -15.70
C TYR A 90 24.28 29.42 -15.23
N THR A 91 24.44 29.48 -13.90
CA THR A 91 25.62 30.05 -13.30
C THR A 91 26.61 28.93 -13.01
N LYS A 92 27.85 29.13 -13.43
CA LYS A 92 28.90 28.14 -13.20
C LYS A 92 29.44 28.36 -11.80
N PRO A 93 30.17 27.36 -11.26
CA PRO A 93 30.71 27.46 -9.90
C PRO A 93 31.56 28.72 -9.70
N ASP A 94 32.33 29.11 -10.71
CA ASP A 94 33.18 30.30 -10.62
C ASP A 94 32.41 31.63 -10.61
N GLY A 95 31.09 31.56 -10.73
CA GLY A 95 30.26 32.75 -10.74
C GLY A 95 29.87 33.25 -12.11
N SER A 96 30.52 32.73 -13.15
CA SER A 96 30.23 33.14 -14.52
C SER A 96 28.88 32.62 -15.01
N MET A 97 28.29 33.36 -15.95
N MET A 97 28.22 33.37 -15.90
CA MET A 97 27.00 32.99 -16.49
CA MET A 97 26.91 32.98 -16.43
C MET A 97 27.16 32.37 -17.86
C MET A 97 26.95 32.47 -17.87
N ALA A 98 26.48 31.25 -18.08
CA ALA A 98 26.50 30.60 -19.37
C ALA A 98 25.07 30.37 -19.90
N GLU A 99 24.97 30.00 -21.17
CA GLU A 99 23.69 29.68 -21.80
C GLU A 99 24.02 28.78 -22.98
N GLU A 100 23.40 27.61 -23.03
CA GLU A 100 23.63 26.63 -24.08
C GLU A 100 22.35 26.33 -24.79
N GLU A 101 22.42 26.18 -26.11
CA GLU A 101 21.23 25.81 -26.84
C GLU A 101 21.09 24.30 -26.82
N TYR A 102 19.85 23.83 -26.88
CA TYR A 102 19.59 22.39 -26.92
C TYR A 102 18.64 22.11 -28.07
N ASP A 103 18.62 20.85 -28.50
CA ASP A 103 17.66 20.41 -29.48
C ASP A 103 16.49 19.86 -28.65
N TYR A 104 16.85 19.23 -27.54
CA TYR A 104 15.88 18.68 -26.57
C TYR A 104 16.39 18.90 -25.16
N VAL A 105 15.47 19.16 -24.24
CA VAL A 105 15.81 19.32 -22.82
C VAL A 105 14.91 18.44 -21.96
N ILE A 106 15.51 17.78 -20.97
CA ILE A 106 14.78 16.96 -20.02
C ILE A 106 14.96 17.60 -18.65
N VAL A 107 13.87 18.17 -18.14
CA VAL A 107 13.91 18.89 -16.87
C VAL A 107 13.69 17.96 -15.67
N GLY A 108 14.73 17.77 -14.87
CA GLY A 108 14.69 16.94 -13.69
C GLY A 108 15.25 17.63 -12.46
N ILE A 109 15.02 18.94 -12.36
CA ILE A 109 15.53 19.71 -11.23
C ILE A 109 14.62 19.72 -9.99
N GLY A 110 13.61 18.86 -10.00
CA GLY A 110 12.70 18.75 -8.88
C GLY A 110 11.95 20.02 -8.49
N ALA A 111 11.49 20.05 -7.24
CA ALA A 111 10.69 21.14 -6.72
C ALA A 111 11.52 21.96 -5.75
N HIS A 112 10.88 22.54 -4.75
CA HIS A 112 11.59 23.35 -3.78
C HIS A 112 10.95 23.16 -2.39
N LEU A 113 11.80 23.04 -1.38
CA LEU A 113 11.35 22.91 0.00
C LEU A 113 11.40 24.33 0.55
N ALA A 114 10.24 24.98 0.56
CA ALA A 114 10.11 26.38 0.96
C ALA A 114 10.24 26.63 2.46
N THR A 115 11.38 26.27 3.03
CA THR A 115 11.63 26.52 4.45
C THR A 115 11.53 28.02 4.73
N GLU A 116 11.86 28.82 3.72
CA GLU A 116 11.84 30.28 3.86
C GLU A 116 10.46 30.82 4.20
N LEU A 117 9.43 30.02 3.96
CA LEU A 117 8.05 30.42 4.26
C LEU A 117 7.71 30.21 5.74
N VAL A 118 8.67 29.66 6.50
CA VAL A 118 8.45 29.36 7.91
C VAL A 118 9.32 30.22 8.80
N LYS A 119 8.70 31.19 9.46
CA LYS A 119 9.42 32.05 10.38
C LYS A 119 9.96 31.20 11.53
N GLY A 120 11.25 31.40 11.86
CA GLY A 120 11.91 30.68 12.94
C GLY A 120 12.49 29.34 12.53
N TRP A 121 12.36 28.98 11.26
CA TRP A 121 12.90 27.72 10.76
C TRP A 121 14.40 27.67 10.99
N ASP A 122 15.03 28.80 10.70
CA ASP A 122 16.46 28.96 10.88
C ASP A 122 16.92 28.50 12.27
N LYS A 123 16.37 29.13 13.31
CA LYS A 123 16.75 28.86 14.69
C LYS A 123 16.17 27.61 15.37
N TYR A 124 14.96 27.20 14.99
CA TYR A 124 14.31 26.08 15.68
C TYR A 124 13.85 24.89 14.85
N GLY A 125 14.07 24.91 13.55
CA GLY A 125 13.57 23.81 12.73
C GLY A 125 14.40 22.55 12.65
N TYR A 126 13.71 21.42 12.51
CA TYR A 126 14.32 20.11 12.29
C TYR A 126 13.65 19.56 11.06
N SER A 127 14.38 19.42 9.97
CA SER A 127 13.80 18.92 8.74
C SER A 127 14.07 17.45 8.55
N VAL A 128 13.13 16.76 7.92
CA VAL A 128 13.28 15.34 7.67
C VAL A 128 13.87 15.14 6.27
N CYS A 129 13.72 16.16 5.43
CA CYS A 129 14.22 16.10 4.06
C CYS A 129 15.56 16.77 3.76
N GLU A 130 16.30 17.13 4.81
CA GLU A 130 17.61 17.75 4.62
C GLU A 130 18.71 16.76 5.04
N PRO A 131 19.63 16.46 4.10
CA PRO A 131 20.79 15.56 4.09
C PRO A 131 21.28 15.14 5.48
N GLU A 132 22.13 15.99 6.07
CA GLU A 132 22.67 15.71 7.40
C GLU A 132 21.88 16.48 8.46
N PHE A 133 20.79 17.10 8.02
CA PHE A 133 19.88 17.82 8.93
C PHE A 133 19.25 16.72 9.79
N ALA A 134 19.20 15.51 9.25
CA ALA A 134 18.65 14.37 9.95
C ALA A 134 19.61 13.83 11.02
N THR A 135 20.81 14.40 11.06
CA THR A 135 21.81 14.02 12.05
C THR A 135 21.62 14.90 13.29
N LYS A 136 21.27 16.15 13.04
CA LYS A 136 20.99 17.14 14.09
C LYS A 136 19.80 16.66 14.92
N LEU A 137 18.84 16.05 14.24
CA LEU A 137 17.64 15.53 14.88
C LEU A 137 17.99 14.30 15.70
N ARG A 138 18.79 13.42 15.11
CA ARG A 138 19.21 12.19 15.79
C ARG A 138 19.76 12.48 17.17
N GLU A 139 20.67 13.45 17.26
CA GLU A 139 21.30 13.83 18.51
C GLU A 139 20.31 14.44 19.52
N LYS A 140 19.45 15.34 19.04
CA LYS A 140 18.46 15.97 19.90
C LYS A 140 17.51 14.94 20.49
N LEU A 141 17.05 14.02 19.63
CA LEU A 141 16.13 12.97 20.07
C LEU A 141 16.77 12.02 21.07
N GLU A 142 18.10 11.93 21.03
CA GLU A 142 18.82 11.05 21.95
C GLU A 142 18.95 11.68 23.33
N SER A 143 19.28 12.97 23.35
CA SER A 143 19.46 13.70 24.61
C SER A 143 18.16 14.26 25.18
N PHE A 144 17.05 13.99 24.51
CA PHE A 144 15.74 14.50 24.95
C PHE A 144 15.34 13.93 26.31
N GLN A 145 15.16 14.82 27.29
CA GLN A 145 14.78 14.43 28.65
C GLN A 145 13.28 14.19 28.76
N GLY A 146 12.52 14.91 27.95
CA GLY A 146 11.07 14.83 27.94
C GLY A 146 10.46 16.13 27.47
N GLY A 147 9.18 16.09 27.12
CA GLY A 147 8.48 17.26 26.63
C GLY A 147 7.58 17.01 25.42
N ASN A 148 7.31 18.08 24.69
CA ASN A 148 6.42 18.00 23.52
C ASN A 148 7.15 17.93 22.20
N ILE A 149 6.63 17.10 21.31
CA ILE A 149 7.20 16.97 19.98
C ILE A 149 6.09 17.17 18.95
N ALA A 150 6.37 17.99 17.94
CA ALA A 150 5.38 18.20 16.88
C ALA A 150 5.97 17.70 15.58
N ILE A 151 5.25 16.80 14.92
CA ILE A 151 5.68 16.28 13.64
C ILE A 151 4.61 16.46 12.57
N GLY A 152 5.00 16.97 11.42
CA GLY A 152 4.05 17.17 10.33
C GLY A 152 4.67 17.78 9.10
N SER A 153 3.84 18.12 8.11
CA SER A 153 4.32 18.75 6.89
C SER A 153 3.66 20.10 6.59
N GLY A 154 4.33 20.90 5.76
CA GLY A 154 3.85 22.20 5.34
C GLY A 154 2.94 22.04 4.14
N PRO A 155 2.16 23.09 3.82
CA PRO A 155 1.25 23.02 2.66
C PRO A 155 1.99 22.80 1.33
N PHE A 156 1.26 22.23 0.38
CA PHE A 156 1.76 21.97 -0.97
C PHE A 156 1.18 23.06 -1.89
N TYR A 157 2.05 23.88 -2.45
CA TYR A 157 1.63 24.95 -3.36
C TYR A 157 1.53 24.40 -4.76
N GLN A 158 0.56 23.50 -4.93
CA GLN A 158 0.31 22.82 -6.19
C GLN A 158 -0.14 23.81 -7.25
N GLY A 159 0.27 23.57 -8.50
CA GLY A 159 -0.14 24.38 -9.62
C GLY A 159 -1.42 23.79 -10.19
N HIS A 160 -2.23 24.61 -10.84
CA HIS A 160 -3.48 24.10 -11.40
C HIS A 160 -3.73 24.43 -12.87
N ASN A 161 -3.09 25.49 -13.37
CA ASN A 161 -3.27 25.88 -14.77
C ASN A 161 -1.98 26.38 -15.39
N PRO A 162 -1.73 25.99 -16.64
CA PRO A 162 -2.62 25.07 -17.37
C PRO A 162 -2.54 23.65 -16.84
N LYS A 163 -3.46 22.81 -17.29
CA LYS A 163 -3.56 21.43 -16.83
C LYS A 163 -2.80 20.43 -17.67
N PRO A 164 -2.26 19.37 -17.04
CA PRO A 164 -1.55 18.34 -17.81
C PRO A 164 -2.51 17.70 -18.78
N LYS A 165 -2.02 17.26 -19.94
CA LYS A 165 -2.89 16.61 -20.92
C LYS A 165 -2.89 15.10 -20.66
N VAL A 166 -3.60 14.69 -19.62
CA VAL A 166 -3.61 13.29 -19.21
C VAL A 166 -5.04 12.87 -18.93
N PRO A 167 -5.29 11.56 -18.78
CA PRO A 167 -6.69 11.17 -18.52
C PRO A 167 -7.26 11.78 -17.25
N GLU A 168 -8.58 11.83 -17.17
CA GLU A 168 -9.21 12.43 -16.01
C GLU A 168 -8.88 11.68 -14.73
N ASN A 169 -8.67 12.44 -13.66
CA ASN A 169 -8.36 11.89 -12.36
C ASN A 169 -6.98 11.27 -12.20
N PHE A 170 -6.09 11.55 -13.13
CA PHE A 170 -4.72 11.03 -13.07
C PHE A 170 -3.84 11.86 -12.14
N VAL A 171 -4.27 13.07 -11.83
CA VAL A 171 -3.51 13.96 -10.96
C VAL A 171 -4.36 14.38 -9.77
N PRO A 172 -3.98 13.94 -8.57
CA PRO A 172 -4.83 14.35 -7.44
C PRO A 172 -4.50 15.73 -6.94
N ASN A 173 -5.45 16.33 -6.21
CA ASN A 173 -5.23 17.61 -5.57
C ASN A 173 -4.88 17.28 -4.14
N ALA A 174 -3.73 17.73 -3.69
CA ALA A 174 -3.29 17.41 -2.35
C ALA A 174 -2.85 18.66 -1.61
N ASP A 175 -3.06 18.66 -0.29
CA ASP A 175 -2.68 19.76 0.58
C ASP A 175 -1.25 19.54 1.02
N SER A 176 -0.78 18.30 0.89
CA SER A 176 0.58 17.91 1.27
C SER A 176 1.19 17.11 0.10
N ALA A 177 2.45 17.33 -0.20
CA ALA A 177 3.10 16.66 -1.33
C ALA A 177 3.65 15.27 -1.00
N CYS A 178 4.10 15.08 0.25
CA CYS A 178 4.64 13.80 0.73
C CYS A 178 4.22 13.64 2.20
N GLU A 179 3.05 13.05 2.45
CA GLU A 179 2.58 12.92 3.82
C GLU A 179 2.84 11.56 4.51
N GLY A 180 2.99 10.51 3.71
CA GLY A 180 3.25 9.16 4.21
C GLY A 180 4.40 9.11 5.20
N PRO A 181 5.51 9.78 4.90
CA PRO A 181 6.63 9.72 5.84
C PRO A 181 6.26 10.23 7.23
N VAL A 182 5.24 11.09 7.31
CA VAL A 182 4.85 11.64 8.60
C VAL A 182 4.23 10.56 9.48
N PHE A 183 3.37 9.73 8.90
CA PHE A 183 2.74 8.61 9.60
C PHE A 183 3.82 7.64 10.13
N GLU A 184 4.68 7.18 9.23
CA GLU A 184 5.78 6.28 9.60
C GLU A 184 6.67 6.82 10.72
N MET A 185 7.07 8.08 10.63
N MET A 185 7.06 8.08 10.63
CA MET A 185 7.92 8.69 11.65
CA MET A 185 7.91 8.68 11.65
C MET A 185 7.20 8.81 12.99
C MET A 185 7.19 8.80 12.99
N SER A 186 5.90 9.08 12.97
CA SER A 186 5.14 9.21 14.19
C SER A 186 5.14 7.87 14.91
N LEU A 187 4.97 6.79 14.15
CA LEU A 187 4.97 5.44 14.72
C LEU A 187 6.36 5.07 15.25
N MET A 188 7.40 5.43 14.50
CA MET A 188 8.76 5.15 14.92
C MET A 188 9.09 5.88 16.21
N LEU A 189 8.80 7.18 16.26
CA LEU A 189 9.08 7.96 17.45
C LEU A 189 8.41 7.36 18.68
N HIS A 190 7.21 6.81 18.49
CA HIS A 190 6.48 6.21 19.60
C HIS A 190 7.22 4.98 20.12
N GLY A 191 7.64 4.11 19.20
CA GLY A 191 8.38 2.90 19.50
C GLY A 191 9.71 3.20 20.19
N TYR A 192 10.38 4.25 19.74
CA TYR A 192 11.66 4.63 20.31
C TYR A 192 11.51 5.09 21.76
N PHE A 193 10.56 5.98 21.99
CA PHE A 193 10.34 6.48 23.33
C PHE A 193 9.72 5.43 24.25
N LYS A 194 9.01 4.46 23.65
CA LYS A 194 8.42 3.40 24.44
C LYS A 194 9.53 2.51 24.99
N LYS A 195 10.49 2.18 24.13
CA LYS A 195 11.64 1.37 24.51
C LYS A 195 12.52 2.05 25.55
N LYS A 196 12.33 3.34 25.75
CA LYS A 196 13.13 4.07 26.74
C LYS A 196 12.28 4.39 27.95
N GLY A 197 11.08 3.82 28.01
CA GLY A 197 10.18 4.05 29.12
C GLY A 197 9.90 5.52 29.32
N MET A 198 9.71 6.24 28.22
CA MET A 198 9.46 7.67 28.29
C MET A 198 8.10 8.12 27.78
N LEU A 199 7.21 7.18 27.48
CA LEU A 199 5.88 7.54 26.99
C LEU A 199 5.16 8.58 27.86
N ASP A 200 5.41 8.54 29.16
CA ASP A 200 4.76 9.49 30.06
C ASP A 200 5.47 10.84 30.07
N LYS A 201 6.73 10.85 29.65
CA LYS A 201 7.52 12.08 29.64
C LYS A 201 7.49 12.79 28.29
N VAL A 202 7.15 12.04 27.23
CA VAL A 202 7.14 12.59 25.87
C VAL A 202 5.74 12.61 25.27
N HIS A 203 5.32 13.77 24.77
N HIS A 203 5.33 13.77 24.78
CA HIS A 203 3.98 13.92 24.17
CA HIS A 203 4.05 13.86 24.11
C HIS A 203 4.03 14.34 22.68
C HIS A 203 4.23 14.23 22.65
N VAL A 204 3.66 13.42 21.79
CA VAL A 204 3.70 13.64 20.35
C VAL A 204 2.40 14.15 19.73
N THR A 205 2.50 15.24 18.98
CA THR A 205 1.37 15.77 18.23
C THR A 205 1.71 15.69 16.75
N VAL A 206 0.80 15.14 15.96
CA VAL A 206 0.98 15.13 14.51
C VAL A 206 0.12 16.22 13.89
N PHE A 207 0.68 17.02 13.00
CA PHE A 207 -0.11 18.06 12.31
C PHE A 207 -0.14 17.93 10.80
N SER A 208 -1.30 18.25 10.22
CA SER A 208 -1.50 18.18 8.77
C SER A 208 -2.01 19.51 8.22
N PRO A 209 -1.50 19.95 7.05
CA PRO A 209 -1.95 21.18 6.38
C PRO A 209 -3.42 21.08 5.95
N GLY A 210 -3.90 19.86 5.77
CA GLY A 210 -5.28 19.64 5.37
C GLY A 210 -5.85 18.46 6.11
N GLU A 211 -6.57 17.58 5.40
CA GLU A 211 -7.11 16.39 6.03
C GLU A 211 -6.46 15.24 6.81
N TYR A 212 -5.21 14.93 6.46
CA TYR A 212 -4.51 13.78 7.03
C TYR A 212 -4.71 12.58 6.09
N LEU A 213 -3.66 12.19 5.38
CA LEU A 213 -3.70 11.06 4.44
C LEU A 213 -4.91 11.04 3.50
N SER A 214 -5.07 12.12 2.75
CA SER A 214 -6.23 12.30 1.84
C SER A 214 -6.54 11.28 0.74
N ASP A 215 -5.60 10.37 0.47
CA ASP A 215 -5.88 9.31 -0.50
C ASP A 215 -6.79 8.21 0.06
N LEU A 216 -6.98 8.21 1.38
CA LEU A 216 -7.81 7.21 2.07
C LEU A 216 -9.27 7.63 2.21
N SER A 217 -10.14 6.63 2.40
CA SER A 217 -11.57 6.87 2.63
C SER A 217 -11.73 7.49 4.01
N PRO A 218 -12.94 8.00 4.31
CA PRO A 218 -13.14 8.60 5.63
C PRO A 218 -12.98 7.59 6.75
N ASN A 219 -13.46 6.38 6.50
N ASN A 219 -13.49 6.37 6.57
CA ASN A 219 -13.40 5.28 7.47
CA ASN A 219 -13.32 5.37 7.61
C ASN A 219 -11.97 4.81 7.75
C ASN A 219 -11.84 5.09 7.84
N SER A 220 -11.09 4.90 6.76
CA SER A 220 -9.67 4.57 6.88
C SER A 220 -8.96 5.70 7.61
N ARG A 221 -9.42 6.92 7.39
CA ARG A 221 -8.82 8.06 8.05
C ARG A 221 -9.18 8.08 9.54
N LYS A 222 -10.43 7.71 9.84
CA LYS A 222 -10.89 7.63 11.22
C LYS A 222 -10.14 6.51 11.93
N ALA A 223 -9.87 5.43 11.21
CA ALA A 223 -9.11 4.32 11.75
C ALA A 223 -7.67 4.73 12.13
N VAL A 224 -7.03 5.53 11.28
CA VAL A 224 -5.68 6.03 11.57
C VAL A 224 -5.75 6.91 12.81
N ALA A 225 -6.82 7.70 12.92
CA ALA A 225 -7.01 8.57 14.08
C ALA A 225 -7.21 7.74 15.36
N SER A 226 -7.82 6.56 15.21
CA SER A 226 -8.05 5.68 16.35
C SER A 226 -6.74 5.07 16.85
N ILE A 227 -5.86 4.75 15.91
CA ILE A 227 -4.54 4.22 16.24
C ILE A 227 -3.79 5.27 17.05
N TYR A 228 -3.84 6.52 16.59
CA TYR A 228 -3.14 7.60 17.27
C TYR A 228 -3.69 7.74 18.68
N ASN A 229 -5.00 7.72 18.82
CA ASN A 229 -5.64 7.82 20.12
C ASN A 229 -5.15 6.71 21.07
N GLN A 230 -5.07 5.47 20.56
CA GLN A 230 -4.56 4.34 21.32
C GLN A 230 -3.13 4.57 21.76
N LEU A 231 -2.32 5.14 20.87
CA LEU A 231 -0.91 5.36 21.14
C LEU A 231 -0.62 6.63 21.92
N GLY A 232 -1.65 7.42 22.21
CA GLY A 232 -1.43 8.67 22.92
C GLY A 232 -0.85 9.75 22.04
N ILE A 233 -1.12 9.67 20.73
CA ILE A 233 -0.64 10.68 19.79
C ILE A 233 -1.79 11.60 19.41
N LYS A 234 -1.58 12.91 19.54
CA LYS A 234 -2.62 13.85 19.16
C LYS A 234 -2.52 14.18 17.65
N LEU A 235 -3.67 14.45 17.05
CA LEU A 235 -3.73 14.78 15.62
C LEU A 235 -4.44 16.11 15.42
N VAL A 236 -3.78 17.02 14.71
CA VAL A 236 -4.36 18.33 14.42
C VAL A 236 -4.44 18.53 12.89
N HIS A 237 -5.66 18.63 12.36
CA HIS A 237 -5.91 18.78 10.93
C HIS A 237 -5.93 20.25 10.57
N ASN A 238 -5.87 20.54 9.27
CA ASN A 238 -5.98 21.91 8.78
C ASN A 238 -5.10 22.90 9.53
N PHE A 239 -3.85 22.51 9.76
CA PHE A 239 -2.90 23.34 10.47
C PHE A 239 -1.76 23.68 9.50
N LYS A 240 -1.86 24.85 8.86
CA LYS A 240 -0.83 25.28 7.92
C LYS A 240 0.18 26.10 8.66
N ILE A 241 1.34 25.50 8.90
CA ILE A 241 2.40 26.13 9.69
C ILE A 241 2.89 27.46 9.14
N LYS A 242 3.00 28.45 10.02
CA LYS A 242 3.46 29.77 9.65
C LYS A 242 4.76 30.12 10.40
N GLU A 243 4.87 29.65 11.63
CA GLU A 243 6.05 29.94 12.45
C GLU A 243 6.45 28.84 13.44
N ILE A 244 7.74 28.81 13.77
CA ILE A 244 8.28 27.87 14.75
C ILE A 244 8.95 28.69 15.85
N ARG A 245 8.48 28.54 17.07
CA ARG A 245 9.10 29.21 18.21
C ARG A 245 9.82 28.15 19.00
N GLU A 246 10.47 28.52 20.10
CA GLU A 246 11.22 27.54 20.86
C GLU A 246 10.38 26.42 21.50
N HIS A 247 9.13 26.73 21.85
CA HIS A 247 8.28 25.75 22.50
C HIS A 247 6.91 25.53 21.91
N GLU A 248 6.68 26.06 20.71
CA GLU A 248 5.40 25.87 20.05
C GLU A 248 5.48 26.24 18.58
N ILE A 249 4.48 25.81 17.82
CA ILE A 249 4.35 26.15 16.41
C ILE A 249 3.02 26.86 16.22
N VAL A 250 2.98 27.82 15.30
CA VAL A 250 1.77 28.61 15.03
C VAL A 250 1.33 28.41 13.59
N ASP A 251 0.01 28.30 13.38
CA ASP A 251 -0.53 28.17 12.04
C ASP A 251 -0.96 29.52 11.45
N GLU A 252 -1.55 29.50 10.25
CA GLU A 252 -1.97 30.72 9.57
C GLU A 252 -3.16 31.44 10.21
N LYS A 253 -3.88 30.77 11.11
CA LYS A 253 -5.02 31.36 11.79
C LYS A 253 -4.73 31.76 13.24
N GLY A 254 -3.47 31.67 13.66
CA GLY A 254 -3.08 32.01 15.03
C GLY A 254 -3.11 30.89 16.05
N ASN A 255 -3.55 29.70 15.63
CA ASN A 255 -3.61 28.54 16.52
C ASN A 255 -2.20 28.02 16.80
N THR A 256 -2.04 27.40 17.97
CA THR A 256 -0.73 26.87 18.38
C THR A 256 -0.75 25.40 18.77
N ILE A 257 0.43 24.77 18.69
CA ILE A 257 0.62 23.38 19.08
C ILE A 257 1.92 23.38 19.89
N PRO A 258 1.91 22.79 21.09
CA PRO A 258 3.15 22.81 21.89
C PRO A 258 4.22 21.91 21.26
N ALA A 259 5.43 22.42 21.18
CA ALA A 259 6.51 21.68 20.54
C ALA A 259 7.90 22.12 20.99
N ASP A 260 8.59 21.26 21.72
CA ASP A 260 9.94 21.54 22.17
C ASP A 260 10.87 21.04 21.07
N ILE A 261 10.35 20.10 20.28
CA ILE A 261 11.05 19.61 19.10
C ILE A 261 10.04 19.65 17.95
N THR A 262 10.42 20.31 16.86
CA THR A 262 9.53 20.37 15.70
C THR A 262 10.18 19.63 14.52
N ILE A 263 9.55 18.54 14.12
CA ILE A 263 10.02 17.78 12.97
C ILE A 263 9.10 18.12 11.80
N LEU A 264 9.64 18.88 10.84
CA LEU A 264 8.84 19.32 9.71
C LEU A 264 9.34 18.90 8.33
N LEU A 265 8.40 18.52 7.49
CA LEU A 265 8.64 18.28 6.07
C LEU A 265 8.21 19.64 5.48
N PRO A 266 9.18 20.47 5.07
CA PRO A 266 8.82 21.83 4.63
C PRO A 266 7.78 21.89 3.53
N PRO A 267 7.16 23.08 3.35
CA PRO A 267 6.16 23.23 2.29
C PRO A 267 6.82 23.01 0.94
N TYR A 268 6.06 22.52 -0.02
CA TYR A 268 6.57 22.30 -1.37
C TYR A 268 6.06 23.42 -2.29
N THR A 269 6.98 24.01 -3.05
CA THR A 269 6.67 25.02 -4.04
C THR A 269 7.49 24.65 -5.28
N GLY A 270 7.22 25.28 -6.41
CA GLY A 270 7.95 24.99 -7.63
C GLY A 270 9.37 25.48 -7.54
N ASN A 271 10.24 24.87 -8.32
CA ASN A 271 11.65 25.26 -8.36
C ASN A 271 11.71 26.70 -8.88
N PRO A 272 12.43 27.57 -8.18
CA PRO A 272 12.53 28.99 -8.59
C PRO A 272 12.96 29.19 -10.04
N ALA A 273 13.90 28.36 -10.51
CA ALA A 273 14.39 28.43 -11.88
C ALA A 273 13.28 28.19 -12.89
N LEU A 274 12.27 27.42 -12.49
CA LEU A 274 11.14 27.15 -13.37
C LEU A 274 10.09 28.28 -13.27
N LYS A 275 10.02 28.89 -12.10
CA LYS A 275 9.12 30.02 -11.90
C LYS A 275 9.61 31.17 -12.76
N ASN A 276 10.94 31.25 -12.95
CA ASN A 276 11.57 32.30 -13.75
C ASN A 276 11.80 31.94 -15.23
N SER A 277 11.17 30.88 -15.71
CA SER A 277 11.33 30.44 -17.09
C SER A 277 10.17 30.96 -17.94
N THR A 278 10.20 30.62 -19.23
CA THR A 278 9.13 30.99 -20.17
C THR A 278 7.79 30.78 -19.47
N PRO A 279 7.08 31.87 -19.16
CA PRO A 279 5.80 31.79 -18.43
C PRO A 279 4.85 30.69 -18.86
N ASP A 280 4.77 30.44 -20.15
CA ASP A 280 3.83 29.42 -20.64
C ASP A 280 4.39 28.00 -20.74
N LEU A 281 5.53 27.78 -20.09
CA LEU A 281 6.11 26.46 -20.04
C LEU A 281 5.60 25.79 -18.74
N VAL A 282 5.35 26.62 -17.72
CA VAL A 282 4.97 26.20 -16.39
C VAL A 282 3.57 26.60 -15.96
N ASP A 283 3.03 25.88 -14.98
CA ASP A 283 1.72 26.20 -14.44
C ASP A 283 1.90 27.24 -13.35
N ASP A 284 0.80 27.59 -12.68
CA ASP A 284 0.85 28.61 -11.62
C ASP A 284 1.62 28.22 -10.38
N GLY A 285 2.03 26.96 -10.30
CA GLY A 285 2.78 26.46 -9.16
C GLY A 285 4.28 26.47 -9.39
N GLY A 286 4.68 26.44 -10.66
CA GLY A 286 6.08 26.46 -11.03
C GLY A 286 6.51 25.07 -11.48
N PHE A 287 5.53 24.26 -11.88
CA PHE A 287 5.77 22.90 -12.34
C PHE A 287 5.43 22.83 -13.84
N ILE A 288 6.03 21.90 -14.56
CA ILE A 288 5.78 21.79 -15.99
C ILE A 288 4.69 20.80 -16.37
N PRO A 289 3.55 21.30 -16.88
CA PRO A 289 2.51 20.34 -17.28
C PRO A 289 2.87 19.67 -18.61
N THR A 290 2.67 18.37 -18.69
CA THR A 290 3.03 17.61 -19.87
C THR A 290 1.91 16.64 -20.20
N ASP A 291 2.13 15.81 -21.23
CA ASP A 291 1.21 14.73 -21.60
C ASP A 291 1.80 13.44 -20.99
N LEU A 292 1.22 12.29 -21.32
CA LEU A 292 1.71 11.02 -20.80
C LEU A 292 3.08 10.59 -21.29
N ASN A 293 3.64 11.32 -22.25
CA ASN A 293 4.97 11.01 -22.78
C ASN A 293 6.03 11.91 -22.15
N MET A 294 5.57 12.75 -21.22
CA MET A 294 6.46 13.66 -20.50
C MET A 294 6.88 14.88 -21.30
N VAL A 295 6.20 15.09 -22.43
CA VAL A 295 6.48 16.22 -23.31
C VAL A 295 5.60 17.39 -22.88
N SER A 296 6.21 18.55 -22.68
CA SER A 296 5.48 19.78 -22.33
C SER A 296 4.26 19.97 -23.25
N ILE A 297 3.15 20.48 -22.69
CA ILE A 297 1.96 20.70 -23.51
C ILE A 297 2.10 21.90 -24.47
N LYS A 298 3.15 22.69 -24.28
CA LYS A 298 3.38 23.89 -25.10
C LYS A 298 4.61 23.81 -26.02
N TYR A 299 5.71 23.26 -25.53
CA TYR A 299 6.96 23.14 -26.31
C TYR A 299 7.34 21.68 -26.50
N ASP A 300 7.13 21.17 -27.71
CA ASP A 300 7.38 19.77 -28.02
C ASP A 300 8.80 19.21 -27.87
N ASN A 301 9.76 20.07 -27.55
CA ASN A 301 11.14 19.62 -27.37
C ASN A 301 11.60 19.75 -25.92
N VAL A 302 10.63 19.98 -25.04
CA VAL A 302 10.89 20.06 -23.60
C VAL A 302 10.23 18.88 -22.90
N TYR A 303 10.98 18.15 -22.10
CA TYR A 303 10.45 17.03 -21.32
C TYR A 303 10.57 17.42 -19.84
N ALA A 304 9.58 17.03 -19.04
CA ALA A 304 9.66 17.24 -17.58
C ALA A 304 9.53 15.90 -16.89
N VAL A 305 10.43 15.62 -15.95
CA VAL A 305 10.40 14.36 -15.21
C VAL A 305 10.47 14.60 -13.69
N GLY A 306 9.97 13.63 -12.94
CA GLY A 306 10.01 13.67 -11.49
C GLY A 306 9.22 14.80 -10.86
N ASP A 307 9.75 15.31 -9.76
CA ASP A 307 9.11 16.35 -8.98
C ASP A 307 8.79 17.63 -9.75
N ALA A 308 9.59 17.93 -10.78
CA ALA A 308 9.40 19.12 -11.62
C ALA A 308 8.15 19.05 -12.49
N ASN A 309 7.66 17.84 -12.75
CA ASN A 309 6.47 17.62 -13.56
C ASN A 309 5.20 17.78 -12.70
N SER A 310 4.20 18.43 -13.26
CA SER A 310 2.94 18.72 -12.59
C SER A 310 2.17 17.49 -12.08
N MET A 311 2.24 16.39 -12.83
CA MET A 311 1.45 15.20 -12.56
C MET A 311 1.96 14.31 -11.42
N THR A 312 3.20 14.51 -11.02
CA THR A 312 3.76 13.71 -9.94
C THR A 312 3.25 14.16 -8.57
N VAL A 313 2.06 13.66 -8.23
CA VAL A 313 1.44 13.92 -6.92
C VAL A 313 0.89 12.59 -6.40
N PRO A 314 1.40 12.12 -5.25
CA PRO A 314 2.42 12.70 -4.37
C PRO A 314 3.75 12.76 -5.08
N LYS A 315 4.68 13.53 -4.51
CA LYS A 315 6.01 13.70 -5.08
C LYS A 315 6.90 12.54 -4.67
N LEU A 316 6.84 11.46 -5.45
CA LEU A 316 7.56 10.21 -5.17
C LEU A 316 8.72 9.89 -6.11
N GLY A 317 9.82 9.42 -5.51
CA GLY A 317 11.01 8.99 -6.21
C GLY A 317 10.73 7.92 -7.24
N TYR A 318 9.79 7.02 -6.99
CA TYR A 318 9.53 5.99 -7.98
C TYR A 318 8.75 6.50 -9.17
N LEU A 319 8.01 7.57 -8.96
CA LEU A 319 7.26 8.20 -10.04
C LEU A 319 8.32 8.98 -10.86
N ALA A 320 9.36 9.45 -10.18
CA ALA A 320 10.47 10.15 -10.82
C ALA A 320 11.17 9.19 -11.78
N VAL A 321 11.48 8.00 -11.29
CA VAL A 321 12.12 6.97 -12.09
C VAL A 321 11.20 6.61 -13.24
N MET A 322 9.93 6.39 -12.95
CA MET A 322 8.96 6.05 -13.99
C MET A 322 8.93 7.09 -15.12
N THR A 323 8.79 8.36 -14.73
CA THR A 323 8.73 9.45 -15.69
C THR A 323 10.06 9.63 -16.42
N GLY A 324 11.18 9.50 -15.71
CA GLY A 324 12.49 9.62 -16.33
C GLY A 324 12.68 8.61 -17.45
N ARG A 325 12.18 7.40 -17.22
CA ARG A 325 12.29 6.32 -18.18
C ARG A 325 11.40 6.54 -19.41
N ILE A 326 10.18 6.99 -19.17
CA ILE A 326 9.22 7.27 -20.25
C ILE A 326 9.73 8.39 -21.17
N ALA A 327 10.27 9.44 -20.56
CA ALA A 327 10.79 10.57 -21.32
C ALA A 327 11.91 10.09 -22.26
N ALA A 328 12.81 9.27 -21.72
CA ALA A 328 13.93 8.72 -22.46
C ALA A 328 13.51 7.78 -23.61
N GLN A 329 12.47 6.99 -23.37
CA GLN A 329 12.00 6.04 -24.37
C GLN A 329 11.31 6.77 -25.51
N HIS A 330 10.48 7.74 -25.15
CA HIS A 330 9.76 8.52 -26.15
C HIS A 330 10.74 9.29 -27.04
N LEU A 331 11.73 9.92 -26.41
CA LEU A 331 12.74 10.67 -27.14
C LEU A 331 13.53 9.76 -28.07
N ALA A 332 13.98 8.61 -27.55
CA ALA A 332 14.70 7.64 -28.37
C ALA A 332 13.93 7.33 -29.67
N ASN A 333 12.63 7.14 -29.58
CA ASN A 333 11.81 6.90 -30.77
C ASN A 333 11.94 8.07 -31.73
N ARG A 334 11.95 9.28 -31.19
CA ARG A 334 12.05 10.49 -32.00
C ARG A 334 13.40 10.56 -32.71
N LEU A 335 14.45 10.06 -32.05
CA LEU A 335 15.78 10.07 -32.62
C LEU A 335 16.04 8.87 -33.54
N GLY A 336 14.97 8.21 -33.97
CA GLY A 336 15.04 7.08 -34.89
C GLY A 336 15.38 5.72 -34.31
N VAL A 337 15.29 5.56 -32.99
CA VAL A 337 15.56 4.28 -32.36
C VAL A 337 14.25 3.73 -31.79
N PRO A 338 13.51 2.97 -32.62
CA PRO A 338 12.19 2.42 -32.21
C PRO A 338 12.25 1.77 -30.83
N THR A 339 11.45 2.32 -29.91
CA THR A 339 11.39 1.84 -28.54
C THR A 339 9.98 1.84 -28.00
N LYS A 340 9.68 0.90 -27.13
CA LYS A 340 8.36 0.84 -26.49
C LYS A 340 8.35 1.90 -25.40
N VAL A 341 7.28 2.71 -25.39
CA VAL A 341 7.13 3.77 -24.40
C VAL A 341 6.15 3.26 -23.34
N ASP A 342 6.67 3.05 -22.13
CA ASP A 342 5.86 2.57 -20.99
C ASP A 342 4.69 3.51 -20.68
N LYS A 343 3.60 2.93 -20.17
CA LYS A 343 2.43 3.71 -19.82
C LYS A 343 2.55 4.22 -18.38
N TYR A 344 2.23 5.50 -18.18
CA TYR A 344 2.28 6.09 -16.84
C TYR A 344 1.00 5.77 -16.07
N TYR A 345 1.14 5.52 -14.78
CA TYR A 345 -0.03 5.23 -13.94
C TYR A 345 -0.04 6.15 -12.72
N PRO A 346 -1.22 6.59 -12.30
CA PRO A 346 -1.24 7.35 -11.03
C PRO A 346 -1.02 6.34 -9.88
N THR A 347 -0.47 6.79 -8.75
CA THR A 347 -0.18 5.86 -7.64
C THR A 347 -1.40 5.28 -6.92
N ILE A 348 -2.52 6.01 -6.91
CA ILE A 348 -3.76 5.56 -6.25
C ILE A 348 -3.69 5.70 -4.73
N VAL A 349 -2.72 5.04 -4.11
CA VAL A 349 -2.53 5.13 -2.67
C VAL A 349 -1.06 4.93 -2.27
N CYS A 350 -0.66 5.58 -1.18
N CYS A 350 -0.64 5.60 -1.20
CA CYS A 350 0.69 5.44 -0.64
CA CYS A 350 0.72 5.46 -0.69
C CYS A 350 0.68 4.21 0.26
C CYS A 350 0.75 4.27 0.28
N VAL A 351 1.55 3.26 -0.03
CA VAL A 351 1.64 2.04 0.79
C VAL A 351 2.01 2.25 2.26
N ALA A 352 2.61 3.40 2.57
CA ALA A 352 3.01 3.75 3.93
C ALA A 352 1.78 4.03 4.82
N ASP A 353 0.61 4.09 4.20
CA ASP A 353 -0.66 4.32 4.90
C ASP A 353 -1.01 3.07 5.71
N ASN A 354 -0.50 1.94 5.25
CA ASN A 354 -0.71 0.64 5.89
C ASN A 354 0.35 0.45 6.96
N PRO A 355 -0.07 0.36 8.24
CA PRO A 355 0.92 0.22 9.32
C PRO A 355 1.73 -1.08 9.27
N TYR A 356 1.17 -2.10 8.63
CA TYR A 356 1.87 -3.38 8.51
C TYR A 356 2.97 -3.32 7.45
N GLU A 357 3.09 -2.18 6.77
CA GLU A 357 4.10 -1.99 5.74
C GLU A 357 5.48 -1.70 6.34
N THR B 2 -3.13 -28.65 31.43
CA THR B 2 -3.94 -27.74 30.61
C THR B 2 -4.02 -28.27 29.19
N LYS B 3 -5.24 -28.37 28.68
CA LYS B 3 -5.46 -28.86 27.33
C LYS B 3 -5.98 -27.74 26.44
N VAL B 4 -5.21 -27.46 25.37
CA VAL B 4 -5.56 -26.41 24.42
C VAL B 4 -5.85 -27.03 23.07
N LEU B 5 -7.08 -26.85 22.59
CA LEU B 5 -7.46 -27.34 21.28
C LEU B 5 -7.32 -26.17 20.28
N VAL B 6 -6.67 -26.44 19.15
CA VAL B 6 -6.52 -25.43 18.11
C VAL B 6 -7.25 -25.96 16.90
N LEU B 7 -8.25 -25.23 16.44
CA LEU B 7 -9.07 -25.68 15.31
C LEU B 7 -8.66 -25.07 13.96
N GLY B 8 -8.39 -25.93 12.97
CA GLY B 8 -7.98 -25.53 11.64
C GLY B 8 -6.50 -25.79 11.39
N GLY B 9 -6.04 -25.60 10.15
CA GLY B 9 -4.64 -25.89 9.85
C GLY B 9 -3.88 -24.98 8.89
N ARG B 10 -4.17 -23.68 8.93
CA ARG B 10 -3.45 -22.75 8.08
C ARG B 10 -2.87 -21.56 8.82
N PHE B 11 -2.96 -20.38 8.23
CA PHE B 11 -2.33 -19.21 8.81
C PHE B 11 -2.63 -18.96 10.28
N GLY B 12 -3.92 -18.87 10.61
CA GLY B 12 -4.31 -18.59 11.98
C GLY B 12 -4.02 -19.72 12.94
N ALA B 13 -4.39 -20.94 12.55
CA ALA B 13 -4.21 -22.11 13.42
C ALA B 13 -2.74 -22.46 13.67
N LEU B 14 -1.99 -22.67 12.59
CA LEU B 14 -0.58 -23.03 12.71
C LEU B 14 0.21 -21.98 13.45
N THR B 15 -0.06 -20.72 13.21
CA THR B 15 0.65 -19.66 13.91
C THR B 15 0.41 -19.76 15.41
N ALA B 16 -0.86 -19.95 15.80
CA ALA B 16 -1.23 -20.02 17.21
C ALA B 16 -0.65 -21.27 17.90
N ALA B 17 -0.80 -22.42 17.24
CA ALA B 17 -0.26 -23.67 17.77
C ALA B 17 1.24 -23.59 18.02
N TYR B 18 2.02 -23.41 16.96
CA TYR B 18 3.48 -23.30 17.07
C TYR B 18 3.92 -22.21 18.06
N THR B 19 3.30 -21.04 17.97
CA THR B 19 3.67 -19.95 18.88
C THR B 19 3.39 -20.33 20.33
N LEU B 20 2.24 -20.94 20.57
CA LEU B 20 1.85 -21.35 21.92
C LEU B 20 2.79 -22.44 22.46
N LYS B 21 2.96 -23.51 21.71
CA LYS B 21 3.84 -24.59 22.15
C LYS B 21 5.24 -24.12 22.47
N ARG B 22 5.80 -23.26 21.61
CA ARG B 22 7.14 -22.73 21.82
C ARG B 22 7.23 -21.85 23.07
N LEU B 23 6.15 -21.16 23.39
CA LEU B 23 6.13 -20.28 24.55
C LEU B 23 5.93 -20.97 25.92
N VAL B 24 5.04 -21.97 25.96
CA VAL B 24 4.71 -22.65 27.22
C VAL B 24 5.30 -24.06 27.35
N GLY B 25 5.78 -24.62 26.24
CA GLY B 25 6.35 -25.94 26.24
C GLY B 25 5.45 -26.98 26.86
N SER B 26 5.89 -27.54 27.99
CA SER B 26 5.16 -28.61 28.67
C SER B 26 4.04 -28.12 29.58
N LYS B 27 3.96 -26.81 29.79
CA LYS B 27 2.92 -26.24 30.65
C LYS B 27 1.50 -26.45 30.09
N ALA B 28 1.41 -27.06 28.91
CA ALA B 28 0.11 -27.29 28.28
C ALA B 28 0.18 -28.30 27.13
N ASP B 29 -0.92 -29.01 26.89
CA ASP B 29 -1.02 -29.95 25.78
C ASP B 29 -1.73 -29.23 24.66
N VAL B 30 -1.03 -29.07 23.54
CA VAL B 30 -1.58 -28.39 22.39
C VAL B 30 -1.92 -29.42 21.35
N LYS B 31 -3.21 -29.50 21.00
CA LYS B 31 -3.66 -30.46 20.01
C LYS B 31 -4.41 -29.70 18.92
N VAL B 32 -4.13 -30.07 17.67
CA VAL B 32 -4.74 -29.41 16.52
C VAL B 32 -5.75 -30.34 15.88
N ILE B 33 -6.92 -29.81 15.53
CA ILE B 33 -7.95 -30.60 14.86
C ILE B 33 -8.24 -29.90 13.55
N ASN B 34 -7.98 -30.60 12.44
CA ASN B 34 -8.18 -30.04 11.12
C ASN B 34 -8.96 -31.01 10.24
N LYS B 35 -9.80 -30.48 9.36
CA LYS B 35 -10.61 -31.32 8.50
C LYS B 35 -9.84 -32.16 7.50
N SER B 36 -8.54 -31.90 7.37
CA SER B 36 -7.71 -32.65 6.46
C SER B 36 -6.31 -32.87 7.02
N ARG B 37 -5.62 -33.86 6.48
CA ARG B 37 -4.28 -34.20 6.94
C ARG B 37 -3.22 -33.24 6.42
N PHE B 38 -3.44 -32.73 5.21
CA PHE B 38 -2.49 -31.81 4.57
C PHE B 38 -3.01 -30.39 4.44
N SER B 39 -2.09 -29.44 4.52
CA SER B 39 -2.38 -28.03 4.32
C SER B 39 -1.46 -27.56 3.20
N TYR B 40 -2.04 -26.88 2.19
CA TYR B 40 -1.27 -26.39 1.06
C TYR B 40 -1.12 -24.88 1.07
N PHE B 41 0.04 -24.41 0.64
CA PHE B 41 0.31 -22.98 0.59
C PHE B 41 0.93 -22.60 -0.76
N ARG B 42 0.12 -21.97 -1.61
CA ARG B 42 0.56 -21.53 -2.93
C ARG B 42 0.67 -20.01 -2.95
N PRO B 43 0.83 -19.42 -4.13
CA PRO B 43 0.87 -17.96 -4.21
C PRO B 43 -0.56 -17.44 -4.41
N ALA B 44 -0.88 -16.32 -3.77
CA ALA B 44 -2.20 -15.73 -3.83
C ALA B 44 -2.79 -15.70 -5.24
N LEU B 45 -2.07 -15.04 -6.14
CA LEU B 45 -2.51 -14.94 -7.53
C LEU B 45 -1.55 -15.70 -8.44
N PRO B 46 -2.11 -16.36 -9.47
CA PRO B 46 -1.40 -17.16 -10.48
C PRO B 46 -0.35 -16.37 -11.26
N HIS B 47 0.40 -17.09 -12.08
CA HIS B 47 1.44 -16.50 -12.92
C HIS B 47 1.08 -16.69 -14.39
N VAL B 48 0.19 -15.83 -14.89
CA VAL B 48 -0.25 -15.94 -16.28
C VAL B 48 0.77 -15.36 -17.25
N ALA B 49 1.80 -16.17 -17.54
CA ALA B 49 2.88 -15.80 -18.46
C ALA B 49 2.75 -16.61 -19.75
N ILE B 50 3.36 -16.11 -20.82
CA ILE B 50 3.27 -16.77 -22.12
C ILE B 50 4.28 -17.92 -22.24
N GLY B 51 3.75 -19.14 -22.24
CA GLY B 51 4.55 -20.35 -22.34
C GLY B 51 5.38 -20.67 -21.12
N VAL B 52 5.17 -19.93 -20.02
CA VAL B 52 5.94 -20.16 -18.79
C VAL B 52 5.05 -20.35 -17.55
N ARG B 53 4.90 -21.61 -17.13
CA ARG B 53 4.10 -21.95 -15.95
C ARG B 53 5.00 -22.17 -14.72
N ASP B 54 4.88 -21.27 -13.74
CA ASP B 54 5.70 -21.34 -12.54
C ASP B 54 5.01 -22.00 -11.34
N VAL B 55 5.18 -23.31 -11.18
CA VAL B 55 4.62 -24.03 -10.04
C VAL B 55 5.39 -23.75 -8.76
N ASP B 56 4.68 -23.57 -7.66
CA ASP B 56 5.34 -23.26 -6.41
C ASP B 56 4.41 -23.45 -5.23
N GLU B 57 4.45 -24.62 -4.62
CA GLU B 57 3.58 -24.89 -3.49
C GLU B 57 4.25 -25.61 -2.32
N LEU B 58 3.83 -25.25 -1.12
CA LEU B 58 4.31 -25.86 0.11
C LEU B 58 3.23 -26.84 0.59
N LYS B 59 3.56 -28.11 0.72
CA LYS B 59 2.59 -29.09 1.17
C LYS B 59 2.94 -29.64 2.56
N VAL B 60 2.18 -29.24 3.58
CA VAL B 60 2.43 -29.65 4.96
C VAL B 60 1.58 -30.84 5.41
N ASP B 61 2.24 -31.86 5.95
CA ASP B 61 1.56 -33.04 6.47
C ASP B 61 1.44 -32.82 7.97
N LEU B 62 0.27 -32.36 8.39
CA LEU B 62 0.03 -32.00 9.78
C LEU B 62 0.33 -33.11 10.78
N SER B 63 0.05 -34.35 10.37
CA SER B 63 0.29 -35.51 11.24
C SER B 63 1.77 -35.72 11.57
N GLU B 64 2.65 -35.31 10.67
CA GLU B 64 4.09 -35.46 10.89
C GLU B 64 4.74 -34.15 11.29
N ALA B 65 4.34 -33.07 10.63
CA ALA B 65 4.90 -31.76 10.92
C ALA B 65 4.64 -31.28 12.34
N LEU B 66 3.43 -31.55 12.84
CA LEU B 66 3.04 -31.07 14.17
C LEU B 66 3.68 -31.82 15.34
N PRO B 67 3.53 -33.15 15.39
CA PRO B 67 4.15 -33.92 16.46
C PRO B 67 5.63 -33.58 16.59
N GLU B 68 6.28 -33.39 15.45
CA GLU B 68 7.68 -33.02 15.41
C GLU B 68 7.97 -31.76 16.22
N LYS B 69 6.94 -31.06 16.63
CA LYS B 69 7.12 -29.82 17.41
C LYS B 69 6.46 -29.87 18.79
N GLY B 70 5.99 -31.05 19.17
CA GLY B 70 5.36 -31.26 20.46
C GLY B 70 3.88 -30.93 20.44
N ILE B 71 3.30 -30.95 19.25
CA ILE B 71 1.89 -30.64 19.08
C ILE B 71 1.19 -31.87 18.55
N GLN B 72 0.13 -32.31 19.23
CA GLN B 72 -0.60 -33.49 18.79
C GLN B 72 -1.50 -33.08 17.64
N PHE B 73 -1.90 -34.04 16.82
CA PHE B 73 -2.77 -33.76 15.71
C PHE B 73 -3.89 -34.77 15.58
N GLN B 74 -5.11 -34.27 15.35
CA GLN B 74 -6.25 -35.14 15.12
C GLN B 74 -7.02 -34.62 13.93
N GLU B 75 -7.23 -35.49 12.95
CA GLU B 75 -7.99 -35.09 11.78
C GLU B 75 -9.47 -35.27 12.07
N GLY B 76 -10.27 -34.27 11.71
CA GLY B 76 -11.70 -34.30 11.93
C GLY B 76 -12.33 -32.98 11.53
N THR B 77 -13.60 -33.05 11.15
CA THR B 77 -14.36 -31.89 10.71
C THR B 77 -15.24 -31.39 11.84
N VAL B 78 -14.92 -30.22 12.39
CA VAL B 78 -15.71 -29.62 13.45
C VAL B 78 -17.14 -29.38 12.97
N GLU B 79 -18.12 -29.76 13.80
CA GLU B 79 -19.53 -29.57 13.45
C GLU B 79 -20.16 -28.43 14.27
N LYS B 80 -19.62 -28.23 15.47
CA LYS B 80 -20.05 -27.14 16.33
C LYS B 80 -19.18 -27.12 17.57
N ILE B 81 -19.20 -25.98 18.26
CA ILE B 81 -18.47 -25.78 19.51
C ILE B 81 -19.54 -25.42 20.55
N ASP B 82 -19.52 -26.11 21.69
CA ASP B 82 -20.43 -25.79 22.77
C ASP B 82 -19.60 -25.01 23.78
N ALA B 83 -19.67 -23.69 23.67
CA ALA B 83 -18.88 -22.81 24.53
C ALA B 83 -19.29 -22.93 25.99
N LYS B 84 -20.56 -23.24 26.24
CA LYS B 84 -21.07 -23.35 27.59
C LYS B 84 -20.46 -24.51 28.36
N SER B 85 -20.34 -25.66 27.69
CA SER B 85 -19.73 -26.83 28.31
C SER B 85 -18.26 -27.00 27.92
N SER B 86 -17.75 -26.15 27.03
CA SER B 86 -16.36 -26.22 26.57
C SER B 86 -16.08 -27.53 25.85
N MET B 87 -16.93 -27.87 24.89
CA MET B 87 -16.80 -29.10 24.13
C MET B 87 -16.74 -28.78 22.64
N VAL B 88 -15.94 -29.55 21.91
CA VAL B 88 -15.85 -29.41 20.46
C VAL B 88 -16.39 -30.70 19.86
N TYR B 89 -17.41 -30.59 19.02
CA TYR B 89 -17.95 -31.75 18.34
C TYR B 89 -17.35 -31.81 16.95
N TYR B 90 -16.89 -32.99 16.54
CA TYR B 90 -16.31 -33.18 15.21
C TYR B 90 -16.46 -34.59 14.68
N THR B 91 -16.54 -34.71 13.35
CA THR B 91 -16.62 -36.00 12.68
C THR B 91 -15.23 -36.48 12.32
N LYS B 92 -14.90 -37.71 12.70
CA LYS B 92 -13.59 -38.30 12.43
C LYS B 92 -13.62 -38.89 11.03
N PRO B 93 -12.44 -39.19 10.46
CA PRO B 93 -12.33 -39.78 9.12
C PRO B 93 -13.14 -41.05 8.96
N ASP B 94 -13.17 -41.88 10.00
CA ASP B 94 -13.94 -43.13 9.94
C ASP B 94 -15.46 -42.94 9.96
N GLY B 95 -15.92 -41.69 10.04
CA GLY B 95 -17.34 -41.36 10.08
C GLY B 95 -17.93 -41.17 11.46
N SER B 96 -17.18 -41.58 12.48
CA SER B 96 -17.67 -41.48 13.85
C SER B 96 -17.69 -40.04 14.34
N MET B 97 -18.56 -39.80 15.31
N MET B 97 -18.61 -39.74 15.27
CA MET B 97 -18.71 -38.48 15.89
CA MET B 97 -18.74 -38.38 15.83
C MET B 97 -18.02 -38.42 17.24
C MET B 97 -18.17 -38.26 17.25
N ALA B 98 -17.15 -37.44 17.40
CA ALA B 98 -16.44 -37.25 18.66
C ALA B 98 -16.79 -35.94 19.31
N GLU B 99 -16.68 -35.90 20.62
CA GLU B 99 -16.99 -34.73 21.41
C GLU B 99 -15.89 -34.71 22.42
N GLU B 100 -15.04 -33.69 22.31
CA GLU B 100 -13.87 -33.60 23.15
C GLU B 100 -13.94 -32.29 23.91
N GLU B 101 -13.37 -32.28 25.11
CA GLU B 101 -13.41 -31.09 25.91
C GLU B 101 -12.08 -30.36 25.95
N TYR B 102 -12.12 -29.06 26.28
CA TYR B 102 -10.91 -28.25 26.33
C TYR B 102 -10.90 -27.34 27.54
N ASP B 103 -9.71 -26.89 27.91
CA ASP B 103 -9.58 -25.87 28.95
C ASP B 103 -9.60 -24.53 28.18
N TYR B 104 -8.96 -24.54 27.01
CA TYR B 104 -8.92 -23.40 26.11
C TYR B 104 -9.05 -23.86 24.66
N VAL B 105 -9.71 -23.07 23.84
CA VAL B 105 -9.85 -23.37 22.41
C VAL B 105 -9.46 -22.14 21.57
N ILE B 106 -8.71 -22.36 20.50
CA ILE B 106 -8.31 -21.30 19.58
C ILE B 106 -8.93 -21.65 18.25
N VAL B 107 -9.93 -20.85 17.86
CA VAL B 107 -10.67 -21.09 16.63
C VAL B 107 -10.01 -20.44 15.41
N GLY B 108 -9.51 -21.28 14.51
CA GLY B 108 -8.84 -20.87 13.29
C GLY B 108 -9.37 -21.58 12.06
N ILE B 109 -10.66 -21.87 12.05
CA ILE B 109 -11.27 -22.58 10.93
C ILE B 109 -11.72 -21.69 9.78
N GLY B 110 -11.33 -20.42 9.83
CA GLY B 110 -11.65 -19.47 8.78
C GLY B 110 -13.14 -19.23 8.52
N ALA B 111 -13.44 -18.75 7.32
CA ALA B 111 -14.78 -18.40 6.92
C ALA B 111 -15.29 -19.42 5.92
N HIS B 112 -16.15 -18.97 5.01
CA HIS B 112 -16.72 -19.88 4.03
C HIS B 112 -16.91 -19.16 2.71
N LEU B 113 -16.57 -19.84 1.62
CA LEU B 113 -16.75 -19.29 0.28
C LEU B 113 -18.07 -19.87 -0.19
N ALA B 114 -19.12 -19.06 -0.05
CA ALA B 114 -20.47 -19.47 -0.38
C ALA B 114 -20.77 -19.61 -1.86
N THR B 115 -20.06 -20.48 -2.54
CA THR B 115 -20.29 -20.73 -3.96
C THR B 115 -21.72 -21.23 -4.14
N GLU B 116 -22.25 -21.92 -3.12
CA GLU B 116 -23.59 -22.47 -3.17
C GLU B 116 -24.67 -21.41 -3.39
N LEU B 117 -24.33 -20.15 -3.11
CA LEU B 117 -25.26 -19.04 -3.27
C LEU B 117 -25.30 -18.56 -4.72
N VAL B 118 -24.50 -19.18 -5.57
CA VAL B 118 -24.41 -18.78 -6.98
C VAL B 118 -24.93 -19.86 -7.90
N LYS B 119 -26.12 -19.64 -8.45
CA LYS B 119 -26.70 -20.60 -9.38
C LYS B 119 -25.80 -20.70 -10.62
N GLY B 120 -25.52 -21.92 -11.04
CA GLY B 120 -24.68 -22.16 -12.21
C GLY B 120 -23.19 -22.19 -11.93
N TRP B 121 -22.82 -21.98 -10.67
CA TRP B 121 -21.42 -21.99 -10.28
C TRP B 121 -20.81 -23.34 -10.65
N ASP B 122 -21.57 -24.39 -10.35
CA ASP B 122 -21.16 -25.76 -10.63
C ASP B 122 -20.67 -25.91 -12.07
N LYS B 123 -21.53 -25.61 -13.03
CA LYS B 123 -21.25 -25.76 -14.45
C LYS B 123 -20.41 -24.69 -15.14
N TYR B 124 -20.47 -23.45 -14.69
CA TYR B 124 -19.77 -22.37 -15.39
C TYR B 124 -18.81 -21.50 -14.59
N GLY B 125 -18.63 -21.79 -13.31
CA GLY B 125 -17.77 -20.94 -12.51
C GLY B 125 -16.28 -21.19 -12.58
N TYR B 126 -15.52 -20.12 -12.46
CA TYR B 126 -14.06 -20.17 -12.37
C TYR B 126 -13.71 -19.41 -11.12
N SER B 127 -13.21 -20.10 -10.10
CA SER B 127 -12.87 -19.45 -8.85
C SER B 127 -11.40 -19.13 -8.78
N VAL B 128 -11.08 -18.03 -8.11
CA VAL B 128 -9.70 -17.63 -7.95
C VAL B 128 -9.17 -18.18 -6.62
N CYS B 129 -10.08 -18.49 -5.71
CA CYS B 129 -9.73 -19.01 -4.40
C CYS B 129 -9.79 -20.52 -4.19
N GLU B 130 -9.92 -21.27 -5.28
CA GLU B 130 -9.96 -22.72 -5.17
C GLU B 130 -8.66 -23.32 -5.74
N PRO B 131 -7.93 -24.10 -4.91
CA PRO B 131 -6.67 -24.81 -5.05
C PRO B 131 -6.21 -25.03 -6.50
N GLU B 132 -6.73 -26.09 -7.11
CA GLU B 132 -6.39 -26.41 -8.49
C GLU B 132 -7.48 -25.93 -9.44
N PHE B 133 -8.43 -25.17 -8.87
CA PHE B 133 -9.50 -24.58 -9.65
C PHE B 133 -8.84 -23.53 -10.52
N ALA B 134 -7.69 -23.04 -10.05
CA ALA B 134 -6.92 -22.04 -10.78
C ALA B 134 -6.17 -22.67 -11.95
N THR B 135 -6.24 -23.99 -12.06
CA THR B 135 -5.60 -24.71 -13.17
C THR B 135 -6.60 -24.80 -14.32
N LYS B 136 -7.86 -24.98 -13.96
CA LYS B 136 -8.95 -25.04 -14.93
C LYS B 136 -9.04 -23.71 -15.68
N LEU B 137 -8.79 -22.62 -14.95
CA LEU B 137 -8.83 -21.28 -15.52
C LEU B 137 -7.64 -21.08 -16.44
N ARG B 138 -6.47 -21.51 -15.99
CA ARG B 138 -5.24 -21.38 -16.76
C ARG B 138 -5.43 -21.93 -18.18
N GLU B 139 -5.99 -23.13 -18.28
CA GLU B 139 -6.21 -23.78 -19.56
C GLU B 139 -7.22 -23.04 -20.44
N LYS B 140 -8.34 -22.64 -19.83
CA LYS B 140 -9.38 -21.92 -20.57
C LYS B 140 -8.84 -20.60 -21.12
N LEU B 141 -8.09 -19.87 -20.30
CA LEU B 141 -7.51 -18.59 -20.70
C LEU B 141 -6.49 -18.76 -21.81
N GLU B 142 -5.89 -19.95 -21.89
CA GLU B 142 -4.88 -20.23 -22.92
C GLU B 142 -5.52 -20.49 -24.27
N SER B 143 -6.59 -21.29 -24.26
CA SER B 143 -7.30 -21.65 -25.48
C SER B 143 -8.34 -20.62 -25.91
N PHE B 144 -8.46 -19.54 -25.16
CA PHE B 144 -9.47 -18.51 -25.46
C PHE B 144 -9.21 -17.82 -26.80
N GLN B 145 -10.18 -17.95 -27.70
CA GLN B 145 -10.09 -17.35 -29.04
C GLN B 145 -10.47 -15.88 -29.02
N GLY B 146 -11.37 -15.52 -28.12
CA GLY B 146 -11.84 -14.16 -27.97
C GLY B 146 -13.23 -14.14 -27.36
N GLY B 147 -13.66 -12.97 -26.91
CA GLY B 147 -14.96 -12.84 -26.29
C GLY B 147 -14.98 -11.98 -25.03
N ASN B 148 -16.00 -12.19 -24.20
CA ASN B 148 -16.16 -11.42 -22.98
C ASN B 148 -15.69 -12.15 -21.74
N ILE B 149 -15.07 -11.39 -20.84
CA ILE B 149 -14.60 -11.93 -19.57
C ILE B 149 -15.15 -11.07 -18.44
N ALA B 150 -15.69 -11.71 -17.40
CA ALA B 150 -16.19 -10.94 -16.27
C ALA B 150 -15.40 -11.36 -15.05
N ILE B 151 -14.80 -10.38 -14.38
CA ILE B 151 -14.03 -10.65 -13.17
C ILE B 151 -14.52 -9.80 -12.00
N GLY B 152 -14.75 -10.44 -10.86
CA GLY B 152 -15.23 -9.71 -9.68
C GLY B 152 -15.43 -10.61 -8.48
N SER B 153 -16.00 -10.05 -7.41
CA SER B 153 -16.27 -10.82 -6.20
C SER B 153 -17.73 -10.74 -5.77
N GLY B 154 -18.14 -11.73 -4.97
CA GLY B 154 -19.48 -11.83 -4.45
C GLY B 154 -19.58 -11.00 -3.18
N PRO B 155 -20.80 -10.74 -2.71
CA PRO B 155 -21.00 -9.94 -1.49
C PRO B 155 -20.39 -10.59 -0.25
N PHE B 156 -20.05 -9.75 0.72
CA PHE B 156 -19.51 -10.17 2.00
C PHE B 156 -20.65 -10.10 3.03
N TYR B 157 -21.04 -11.26 3.54
CA TYR B 157 -22.11 -11.32 4.54
C TYR B 157 -21.53 -11.08 5.90
N GLN B 158 -21.05 -9.86 6.09
CA GLN B 158 -20.42 -9.44 7.34
C GLN B 158 -21.40 -9.47 8.49
N GLY B 159 -20.93 -9.85 9.67
CA GLY B 159 -21.78 -9.86 10.84
C GLY B 159 -21.68 -8.50 11.50
N HIS B 160 -22.72 -8.11 12.23
CA HIS B 160 -22.70 -6.80 12.88
C HIS B 160 -22.98 -6.79 14.38
N ASN B 161 -23.65 -7.82 14.87
CA ASN B 161 -23.95 -7.89 16.30
C ASN B 161 -23.85 -9.30 16.85
N PRO B 162 -23.28 -9.43 18.05
CA PRO B 162 -22.71 -8.29 18.77
C PRO B 162 -21.41 -7.77 18.15
N LYS B 163 -20.94 -6.62 18.63
CA LYS B 163 -19.75 -5.99 18.09
C LYS B 163 -18.46 -6.36 18.85
N PRO B 164 -17.33 -6.40 18.13
CA PRO B 164 -16.06 -6.72 18.78
C PRO B 164 -15.74 -5.62 19.80
N LYS B 165 -15.07 -5.97 20.88
CA LYS B 165 -14.70 -4.97 21.89
C LYS B 165 -13.33 -4.41 21.56
N VAL B 166 -13.30 -3.56 20.53
CA VAL B 166 -12.05 -2.96 20.06
C VAL B 166 -12.22 -1.45 19.90
N PRO B 167 -11.10 -0.71 19.72
CA PRO B 167 -11.30 0.73 19.58
C PRO B 167 -12.19 1.09 18.39
N GLU B 168 -12.75 2.28 18.44
CA GLU B 168 -13.63 2.73 17.37
C GLU B 168 -12.91 2.77 16.03
N ASN B 169 -13.62 2.39 14.99
CA ASN B 169 -13.10 2.41 13.63
C ASN B 169 -12.00 1.39 13.30
N PHE B 170 -11.83 0.39 14.18
CA PHE B 170 -10.84 -0.66 13.98
C PHE B 170 -11.35 -1.73 13.01
N VAL B 171 -12.66 -1.79 12.82
CA VAL B 171 -13.27 -2.78 11.94
C VAL B 171 -14.08 -2.09 10.85
N PRO B 172 -13.64 -2.22 9.59
CA PRO B 172 -14.42 -1.53 8.57
C PRO B 172 -15.63 -2.34 8.12
N ASN B 173 -16.57 -1.65 7.49
CA ASN B 173 -17.72 -2.31 6.92
C ASN B 173 -17.40 -2.42 5.46
N ALA B 174 -17.41 -3.64 4.93
CA ALA B 174 -17.07 -3.85 3.54
C ALA B 174 -18.12 -4.68 2.84
N ASP B 175 -18.31 -4.42 1.55
CA ASP B 175 -19.27 -5.15 0.73
C ASP B 175 -18.58 -6.36 0.14
N SER B 176 -17.25 -6.32 0.16
CA SER B 176 -16.40 -7.40 -0.34
C SER B 176 -15.33 -7.71 0.72
N ALA B 177 -15.03 -8.99 0.92
CA ALA B 177 -14.06 -9.40 1.93
C ALA B 177 -12.59 -9.32 1.48
N CYS B 178 -12.36 -9.57 0.19
CA CYS B 178 -11.02 -9.55 -0.39
C CYS B 178 -11.16 -9.01 -1.83
N GLU B 179 -11.09 -7.70 -2.01
CA GLU B 179 -11.28 -7.12 -3.34
C GLU B 179 -10.01 -6.80 -4.12
N GLY B 180 -8.90 -6.58 -3.41
CA GLY B 180 -7.63 -6.27 -4.01
C GLY B 180 -7.22 -7.25 -5.09
N PRO B 181 -7.38 -8.56 -4.84
CA PRO B 181 -6.98 -9.50 -5.89
C PRO B 181 -7.72 -9.28 -7.20
N VAL B 182 -8.91 -8.68 -7.14
CA VAL B 182 -9.68 -8.43 -8.36
C VAL B 182 -9.00 -7.40 -9.25
N PHE B 183 -8.50 -6.32 -8.62
CA PHE B 183 -7.78 -5.27 -9.33
C PHE B 183 -6.53 -5.85 -10.00
N GLU B 184 -5.69 -6.52 -9.22
CA GLU B 184 -4.48 -7.15 -9.73
C GLU B 184 -4.72 -8.09 -10.90
N MET B 185 -5.71 -8.97 -10.77
N MET B 185 -5.71 -8.96 -10.77
CA MET B 185 -6.04 -9.91 -11.83
CA MET B 185 -6.03 -9.91 -11.82
C MET B 185 -6.53 -9.22 -13.09
C MET B 185 -6.53 -9.21 -13.10
N SER B 186 -7.28 -8.14 -12.93
CA SER B 186 -7.80 -7.41 -14.09
C SER B 186 -6.62 -6.84 -14.87
N LEU B 187 -5.63 -6.31 -14.16
CA LEU B 187 -4.44 -5.76 -14.80
C LEU B 187 -3.61 -6.85 -15.46
N MET B 188 -3.47 -7.99 -14.79
CA MET B 188 -2.73 -9.12 -15.35
C MET B 188 -3.39 -9.63 -16.62
N LEU B 189 -4.70 -9.86 -16.57
CA LEU B 189 -5.42 -10.34 -17.74
C LEU B 189 -5.23 -9.42 -18.93
N HIS B 190 -5.16 -8.12 -18.67
CA HIS B 190 -4.96 -7.16 -19.75
C HIS B 190 -3.59 -7.33 -20.39
N GLY B 191 -2.56 -7.45 -19.55
CA GLY B 191 -1.20 -7.63 -19.99
C GLY B 191 -1.00 -8.92 -20.77
N TYR B 192 -1.69 -9.97 -20.33
CA TYR B 192 -1.59 -11.26 -20.98
C TYR B 192 -2.20 -11.21 -22.37
N PHE B 193 -3.40 -10.67 -22.48
CA PHE B 193 -4.05 -10.56 -23.78
C PHE B 193 -3.40 -9.52 -24.68
N LYS B 194 -2.72 -8.55 -24.08
CA LYS B 194 -2.02 -7.54 -24.87
C LYS B 194 -0.82 -8.20 -25.55
N LYS B 195 -0.09 -9.02 -24.80
CA LYS B 195 1.06 -9.74 -25.32
C LYS B 195 0.68 -10.74 -26.41
N LYS B 196 -0.60 -11.06 -26.51
CA LYS B 196 -1.06 -12.00 -27.53
C LYS B 196 -1.77 -11.26 -28.66
N GLY B 197 -1.70 -9.93 -28.63
CA GLY B 197 -2.36 -9.10 -29.62
C GLY B 197 -3.84 -9.38 -29.72
N MET B 198 -4.48 -9.57 -28.57
CA MET B 198 -5.91 -9.88 -28.55
C MET B 198 -6.81 -8.83 -27.90
N LEU B 199 -6.25 -7.67 -27.58
CA LEU B 199 -7.04 -6.62 -26.93
C LEU B 199 -8.34 -6.30 -27.66
N ASP B 200 -8.33 -6.41 -28.99
CA ASP B 200 -9.54 -6.13 -29.77
C ASP B 200 -10.51 -7.30 -29.78
N LYS B 201 -10.01 -8.49 -29.48
CA LYS B 201 -10.83 -9.70 -29.48
C LYS B 201 -11.38 -10.05 -28.09
N VAL B 202 -10.74 -9.51 -27.05
CA VAL B 202 -11.13 -9.79 -25.67
C VAL B 202 -11.66 -8.55 -24.95
N HIS B 203 -12.80 -8.70 -24.29
CA HIS B 203 -13.41 -7.59 -23.58
C HIS B 203 -13.63 -7.91 -22.11
N VAL B 204 -12.93 -7.18 -21.25
CA VAL B 204 -12.99 -7.40 -19.80
C VAL B 204 -13.90 -6.44 -19.03
N THR B 205 -14.79 -7.02 -18.23
CA THR B 205 -15.66 -6.24 -17.36
C THR B 205 -15.32 -6.61 -15.92
N VAL B 206 -15.13 -5.60 -15.07
CA VAL B 206 -14.92 -5.85 -13.66
C VAL B 206 -16.20 -5.51 -12.90
N PHE B 207 -16.65 -6.40 -12.02
CA PHE B 207 -17.84 -6.13 -11.23
C PHE B 207 -17.61 -6.15 -9.72
N SER B 208 -18.31 -5.27 -9.01
CA SER B 208 -18.18 -5.16 -7.57
C SER B 208 -19.55 -5.23 -6.90
N PRO B 209 -19.66 -5.96 -5.78
CA PRO B 209 -20.91 -6.07 -5.02
C PRO B 209 -21.36 -4.73 -4.45
N GLY B 210 -20.41 -3.79 -4.29
CA GLY B 210 -20.68 -2.47 -3.77
C GLY B 210 -19.88 -1.42 -4.52
N GLU B 211 -19.28 -0.48 -3.80
CA GLU B 211 -18.43 0.51 -4.45
C GLU B 211 -17.07 -0.19 -4.48
N TYR B 212 -16.40 -0.11 -5.62
CA TYR B 212 -15.12 -0.78 -5.83
C TYR B 212 -14.01 -0.16 -4.96
N LEU B 213 -13.18 -1.00 -4.37
CA LEU B 213 -12.07 -0.59 -3.50
C LEU B 213 -12.41 0.50 -2.47
N SER B 214 -13.42 0.22 -1.65
CA SER B 214 -13.94 1.16 -0.66
C SER B 214 -13.02 1.76 0.40
N ASP B 215 -11.81 1.23 0.53
CA ASP B 215 -10.86 1.80 1.48
C ASP B 215 -10.21 3.10 0.94
N LEU B 216 -10.41 3.35 -0.35
CA LEU B 216 -9.85 4.54 -1.01
C LEU B 216 -10.78 5.74 -1.00
N SER B 217 -10.20 6.92 -1.16
CA SER B 217 -10.96 8.17 -1.26
C SER B 217 -11.71 8.17 -2.59
N PRO B 218 -12.65 9.11 -2.75
CA PRO B 218 -13.39 9.16 -4.02
C PRO B 218 -12.47 9.48 -5.19
N ASN B 219 -11.50 10.35 -4.96
N ASN B 219 -11.52 10.39 -5.02
CA ASN B 219 -10.55 10.77 -5.97
CA ASN B 219 -10.61 10.68 -6.12
C ASN B 219 -9.60 9.64 -6.41
C ASN B 219 -9.83 9.42 -6.50
N SER B 220 -9.29 8.74 -5.49
CA SER B 220 -8.47 7.56 -5.77
C SER B 220 -9.30 6.51 -6.49
N ARG B 221 -10.59 6.48 -6.16
CA ARG B 221 -11.47 5.54 -6.82
C ARG B 221 -11.75 5.96 -8.26
N LYS B 222 -11.89 7.26 -8.47
CA LYS B 222 -12.12 7.81 -9.81
C LYS B 222 -10.85 7.56 -10.63
N ALA B 223 -9.70 7.66 -9.99
CA ALA B 223 -8.43 7.40 -10.67
C ALA B 223 -8.32 5.96 -11.16
N VAL B 224 -8.76 5.01 -10.33
CA VAL B 224 -8.77 3.59 -10.70
C VAL B 224 -9.71 3.42 -11.89
N ALA B 225 -10.84 4.13 -11.86
CA ALA B 225 -11.81 4.05 -12.94
C ALA B 225 -11.24 4.62 -14.24
N SER B 226 -10.36 5.61 -14.11
CA SER B 226 -9.72 6.23 -15.27
C SER B 226 -8.71 5.26 -15.93
N ILE B 227 -8.02 4.50 -15.10
CA ILE B 227 -7.07 3.51 -15.56
C ILE B 227 -7.83 2.46 -16.36
N TYR B 228 -8.96 2.01 -15.83
CA TYR B 228 -9.79 1.02 -16.49
C TYR B 228 -10.23 1.54 -17.84
N ASN B 229 -10.71 2.78 -17.86
CA ASN B 229 -11.15 3.42 -19.09
C ASN B 229 -10.04 3.43 -20.15
N GLN B 230 -8.84 3.79 -19.73
CA GLN B 230 -7.67 3.80 -20.60
C GLN B 230 -7.39 2.41 -21.16
N LEU B 231 -7.52 1.39 -20.32
CA LEU B 231 -7.22 0.03 -20.71
C LEU B 231 -8.36 -0.67 -21.42
N GLY B 232 -9.50 0.01 -21.56
CA GLY B 232 -10.66 -0.60 -22.19
C GLY B 232 -11.37 -1.60 -21.29
N ILE B 233 -11.26 -1.40 -19.98
CA ILE B 233 -11.91 -2.29 -19.02
C ILE B 233 -13.17 -1.61 -18.49
N LYS B 234 -14.31 -2.31 -18.54
CA LYS B 234 -15.55 -1.75 -18.03
C LYS B 234 -15.69 -2.06 -16.53
N LEU B 235 -16.35 -1.16 -15.81
CA LEU B 235 -16.55 -1.32 -14.37
C LEU B 235 -18.03 -1.22 -14.02
N VAL B 236 -18.55 -2.21 -13.33
CA VAL B 236 -19.96 -2.21 -12.91
C VAL B 236 -20.03 -2.33 -11.39
N HIS B 237 -20.51 -1.27 -10.74
N HIS B 237 -20.51 -1.28 -10.73
CA HIS B 237 -20.62 -1.25 -9.28
CA HIS B 237 -20.61 -1.33 -9.27
C HIS B 237 -21.97 -1.81 -8.82
C HIS B 237 -21.99 -1.78 -8.82
N ASN B 238 -22.12 -2.04 -7.53
CA ASN B 238 -23.37 -2.52 -6.96
C ASN B 238 -24.00 -3.68 -7.74
N PHE B 239 -23.18 -4.65 -8.13
CA PHE B 239 -23.63 -5.81 -8.87
C PHE B 239 -23.40 -7.06 -8.00
N LYS B 240 -24.44 -7.47 -7.28
CA LYS B 240 -24.37 -8.63 -6.41
C LYS B 240 -24.76 -9.88 -7.20
N ILE B 241 -23.76 -10.66 -7.60
CA ILE B 241 -23.99 -11.84 -8.42
C ILE B 241 -24.96 -12.86 -7.82
N LYS B 242 -25.88 -13.33 -8.65
CA LYS B 242 -26.88 -14.31 -8.25
C LYS B 242 -26.76 -15.59 -9.09
N GLU B 243 -26.39 -15.43 -10.36
CA GLU B 243 -26.27 -16.58 -11.25
C GLU B 243 -25.20 -16.43 -12.34
N ILE B 244 -24.69 -17.58 -12.79
CA ILE B 244 -23.70 -17.63 -13.85
C ILE B 244 -24.25 -18.51 -14.97
N ARG B 245 -24.41 -17.94 -16.15
CA ARG B 245 -24.87 -18.70 -17.31
C ARG B 245 -23.67 -18.89 -18.21
N GLU B 246 -23.84 -19.57 -19.34
CA GLU B 246 -22.70 -19.81 -20.20
C GLU B 246 -22.10 -18.56 -20.83
N HIS B 247 -22.90 -17.54 -21.05
CA HIS B 247 -22.39 -16.32 -21.70
C HIS B 247 -22.70 -15.01 -21.00
N GLU B 248 -23.17 -15.08 -19.75
CA GLU B 248 -23.44 -13.88 -18.99
C GLU B 248 -23.62 -14.18 -17.51
N ILE B 249 -23.58 -13.13 -16.69
CA ILE B 249 -23.81 -13.25 -15.27
C ILE B 249 -24.97 -12.34 -14.91
N VAL B 250 -25.77 -12.76 -13.93
CA VAL B 250 -26.95 -12.01 -13.51
C VAL B 250 -26.83 -11.60 -12.05
N ASP B 251 -27.23 -10.37 -11.74
CA ASP B 251 -27.23 -9.90 -10.35
C ASP B 251 -28.58 -10.14 -9.65
N GLU B 252 -28.70 -9.64 -8.42
CA GLU B 252 -29.91 -9.83 -7.62
C GLU B 252 -31.14 -9.05 -8.12
N LYS B 253 -30.90 -8.07 -8.99
CA LYS B 253 -31.99 -7.25 -9.54
C LYS B 253 -32.34 -7.63 -10.99
N GLY B 254 -31.76 -8.70 -11.51
CA GLY B 254 -32.04 -9.13 -12.87
C GLY B 254 -31.10 -8.57 -13.96
N ASN B 255 -30.20 -7.67 -13.57
CA ASN B 255 -29.25 -7.07 -14.51
C ASN B 255 -28.20 -8.07 -14.95
N THR B 256 -27.67 -7.88 -16.16
CA THR B 256 -26.68 -8.80 -16.72
C THR B 256 -25.38 -8.15 -17.19
N ILE B 257 -24.33 -8.97 -17.27
CA ILE B 257 -23.01 -8.56 -17.76
C ILE B 257 -22.55 -9.70 -18.67
N PRO B 258 -22.13 -9.38 -19.90
CA PRO B 258 -21.70 -10.46 -20.80
C PRO B 258 -20.42 -11.11 -20.30
N ALA B 259 -20.38 -12.44 -20.32
CA ALA B 259 -19.23 -13.16 -19.82
C ALA B 259 -19.12 -14.57 -20.36
N ASP B 260 -18.12 -14.80 -21.20
CA ASP B 260 -17.89 -16.13 -21.75
C ASP B 260 -16.98 -16.86 -20.77
N ILE B 261 -16.27 -16.07 -19.97
CA ILE B 261 -15.43 -16.57 -18.88
C ILE B 261 -15.78 -15.74 -17.66
N THR B 262 -16.14 -16.40 -16.56
CA THR B 262 -16.45 -15.69 -15.33
C THR B 262 -15.44 -16.05 -14.27
N ILE B 263 -14.65 -15.07 -13.85
CA ILE B 263 -13.66 -15.27 -12.80
C ILE B 263 -14.24 -14.64 -11.54
N LEU B 264 -14.62 -15.48 -10.59
CA LEU B 264 -15.25 -15.00 -9.37
C LEU B 264 -14.57 -15.38 -8.06
N LEU B 265 -14.54 -14.42 -7.15
CA LEU B 265 -14.09 -14.62 -5.80
C LEU B 265 -15.45 -14.81 -5.11
N PRO B 266 -15.79 -16.05 -4.72
CA PRO B 266 -17.14 -16.28 -4.19
C PRO B 266 -17.51 -15.41 -3.00
N PRO B 267 -18.81 -15.34 -2.68
CA PRO B 267 -19.26 -14.53 -1.54
C PRO B 267 -18.70 -15.12 -0.27
N TYR B 268 -18.45 -14.28 0.73
CA TYR B 268 -17.94 -14.74 2.02
C TYR B 268 -19.07 -14.77 3.04
N THR B 269 -19.18 -15.89 3.75
CA THR B 269 -20.14 -16.06 4.82
C THR B 269 -19.37 -16.73 5.96
N GLY B 270 -19.97 -16.79 7.13
CA GLY B 270 -19.31 -17.41 8.25
C GLY B 270 -19.24 -18.91 8.07
N ASN B 271 -18.27 -19.52 8.74
CA ASN B 271 -18.08 -20.97 8.70
C ASN B 271 -19.34 -21.61 9.28
N PRO B 272 -19.95 -22.57 8.57
CA PRO B 272 -21.18 -23.25 9.04
C PRO B 272 -21.06 -23.80 10.46
N ALA B 273 -19.91 -24.39 10.78
CA ALA B 273 -19.67 -24.93 12.11
C ALA B 273 -19.77 -23.88 13.20
N LEU B 274 -19.50 -22.63 12.85
CA LEU B 274 -19.60 -21.54 13.82
C LEU B 274 -21.05 -21.01 13.86
N LYS B 275 -21.74 -21.12 12.74
CA LYS B 275 -23.13 -20.71 12.68
C LYS B 275 -23.95 -21.67 13.55
N ASN B 276 -23.49 -22.93 13.63
CA ASN B 276 -24.15 -23.95 14.41
C ASN B 276 -23.62 -24.11 15.84
N SER B 277 -22.84 -23.16 16.32
CA SER B 277 -22.28 -23.21 17.66
C SER B 277 -23.11 -22.39 18.64
N THR B 278 -22.68 -22.33 19.89
CA THR B 278 -23.34 -21.55 20.94
C THR B 278 -23.73 -20.19 20.35
N PRO B 279 -25.03 -19.96 20.15
CA PRO B 279 -25.52 -18.72 19.52
C PRO B 279 -24.84 -17.43 19.99
N ASP B 280 -24.53 -17.32 21.27
CA ASP B 280 -23.92 -16.10 21.79
C ASP B 280 -22.39 -16.06 21.76
N LEU B 281 -21.80 -16.97 20.99
CA LEU B 281 -20.35 -16.99 20.82
C LEU B 281 -20.05 -16.20 19.54
N VAL B 282 -21.00 -16.26 18.61
CA VAL B 282 -20.87 -15.67 17.28
C VAL B 282 -21.82 -14.50 16.98
N ASP B 283 -21.46 -13.67 16.01
CA ASP B 283 -22.29 -12.57 15.59
C ASP B 283 -23.28 -13.08 14.55
N ASP B 284 -24.10 -12.19 13.99
CA ASP B 284 -25.09 -12.59 13.00
C ASP B 284 -24.53 -13.06 11.67
N GLY B 285 -23.21 -12.95 11.50
CA GLY B 285 -22.57 -13.35 10.26
C GLY B 285 -21.98 -14.75 10.36
N GLY B 286 -21.70 -15.18 11.59
CA GLY B 286 -21.13 -16.49 11.85
C GLY B 286 -19.66 -16.36 12.21
N PHE B 287 -19.26 -15.16 12.64
CA PHE B 287 -17.87 -14.87 13.01
C PHE B 287 -17.82 -14.63 14.51
N ILE B 288 -16.66 -14.86 15.13
CA ILE B 288 -16.54 -14.70 16.57
C ILE B 288 -16.01 -13.32 16.98
N PRO B 289 -16.87 -12.49 17.62
CA PRO B 289 -16.36 -11.18 18.05
C PRO B 289 -15.50 -11.33 19.29
N THR B 290 -14.35 -10.65 19.31
CA THR B 290 -13.42 -10.75 20.43
C THR B 290 -12.94 -9.35 20.80
N ASP B 291 -12.00 -9.29 21.75
CA ASP B 291 -11.33 -8.06 22.15
C ASP B 291 -9.95 -8.05 21.45
N LEU B 292 -9.11 -7.09 21.78
CA LEU B 292 -7.79 -7.01 21.15
C LEU B 292 -6.83 -8.14 21.50
N ASN B 293 -7.21 -8.99 22.46
CA ASN B 293 -6.36 -10.12 22.85
C ASN B 293 -6.84 -11.41 22.18
N MET B 294 -7.86 -11.28 21.34
CA MET B 294 -8.42 -12.39 20.58
C MET B 294 -9.31 -13.30 21.40
N VAL B 295 -9.66 -12.84 22.60
CA VAL B 295 -10.54 -13.58 23.51
C VAL B 295 -11.99 -13.19 23.22
N SER B 296 -12.85 -14.19 23.03
CA SER B 296 -14.27 -13.97 22.80
C SER B 296 -14.87 -12.99 23.83
N ILE B 297 -15.77 -12.12 23.39
CA ILE B 297 -16.38 -11.16 24.31
C ILE B 297 -17.33 -11.81 25.33
N LYS B 298 -17.67 -13.07 25.10
CA LYS B 298 -18.60 -13.80 25.96
C LYS B 298 -17.98 -14.94 26.78
N TYR B 299 -17.08 -15.72 26.18
CA TYR B 299 -16.43 -16.86 26.84
C TYR B 299 -14.94 -16.68 26.92
N ASP B 300 -14.46 -16.37 28.11
CA ASP B 300 -13.05 -16.07 28.32
C ASP B 300 -12.00 -17.14 28.02
N ASN B 301 -12.44 -18.33 27.63
CA ASN B 301 -11.52 -19.42 27.33
C ASN B 301 -11.59 -19.81 25.87
N VAL B 302 -12.26 -18.99 25.09
CA VAL B 302 -12.35 -19.16 23.63
C VAL B 302 -11.57 -18.03 22.94
N TYR B 303 -10.68 -18.39 22.02
CA TYR B 303 -9.93 -17.42 21.22
C TYR B 303 -10.34 -17.60 19.79
N ALA B 304 -10.42 -16.51 19.04
CA ALA B 304 -10.72 -16.59 17.61
C ALA B 304 -9.57 -15.89 16.85
N VAL B 305 -9.06 -16.57 15.82
CA VAL B 305 -7.97 -16.02 15.02
C VAL B 305 -8.29 -16.08 13.53
N GLY B 306 -7.65 -15.19 12.76
CA GLY B 306 -7.80 -15.15 11.32
C GLY B 306 -9.20 -14.85 10.84
N ASP B 307 -9.56 -15.47 9.72
CA ASP B 307 -10.82 -15.25 9.04
C ASP B 307 -12.05 -15.48 9.90
N ALA B 308 -11.94 -16.38 10.88
CA ALA B 308 -13.04 -16.73 11.78
C ALA B 308 -13.39 -15.59 12.75
N ASN B 309 -12.44 -14.71 13.00
CA ASN B 309 -12.62 -13.57 13.89
C ASN B 309 -13.32 -12.42 13.15
N SER B 310 -14.27 -11.78 13.83
CA SER B 310 -15.07 -10.69 13.26
C SER B 310 -14.26 -9.48 12.75
N MET B 311 -13.17 -9.17 13.45
CA MET B 311 -12.38 -7.97 13.18
C MET B 311 -11.48 -8.01 11.96
N THR B 312 -11.23 -9.20 11.45
CA THR B 312 -10.37 -9.35 10.29
C THR B 312 -11.08 -8.97 8.99
N VAL B 313 -11.12 -7.66 8.73
CA VAL B 313 -11.69 -7.12 7.49
C VAL B 313 -10.73 -6.07 6.95
N PRO B 314 -10.22 -6.28 5.71
CA PRO B 314 -10.44 -7.40 4.79
C PRO B 314 -9.90 -8.69 5.40
N LYS B 315 -10.29 -9.81 4.80
CA LYS B 315 -9.90 -11.13 5.26
C LYS B 315 -8.52 -11.46 4.70
N LEU B 316 -7.49 -11.04 5.44
CA LEU B 316 -6.09 -11.22 5.04
C LEU B 316 -5.27 -12.20 5.85
N GLY B 317 -4.46 -12.99 5.14
CA GLY B 317 -3.55 -13.96 5.72
C GLY B 317 -2.58 -13.34 6.72
N TYR B 318 -2.14 -12.12 6.49
CA TYR B 318 -1.20 -11.53 7.44
C TYR B 318 -1.88 -11.07 8.71
N LEU B 319 -3.17 -10.79 8.61
CA LEU B 319 -3.94 -10.43 9.80
C LEU B 319 -4.19 -11.74 10.57
N ALA B 320 -4.28 -12.85 9.83
CA ALA B 320 -4.44 -14.18 10.42
C ALA B 320 -3.20 -14.50 11.26
N VAL B 321 -2.03 -14.28 10.67
CA VAL B 321 -0.77 -14.53 11.37
C VAL B 321 -0.69 -13.61 12.58
N MET B 322 -1.01 -12.35 12.39
CA MET B 322 -0.98 -11.37 13.47
C MET B 322 -1.87 -11.81 14.65
N THR B 323 -3.13 -12.13 14.34
CA THR B 323 -4.07 -12.57 15.35
C THR B 323 -3.66 -13.91 16.00
N GLY B 324 -3.18 -14.85 15.20
CA GLY B 324 -2.74 -16.13 15.71
C GLY B 324 -1.64 -15.98 16.75
N ARG B 325 -0.73 -15.05 16.51
CA ARG B 325 0.38 -14.78 17.40
C ARG B 325 -0.07 -14.11 18.71
N ILE B 326 -0.97 -13.14 18.60
CA ILE B 326 -1.50 -12.44 19.76
C ILE B 326 -2.27 -13.39 20.69
N ALA B 327 -3.08 -14.27 20.11
CA ALA B 327 -3.86 -15.23 20.87
C ALA B 327 -2.93 -16.12 21.68
N ALA B 328 -1.86 -16.60 21.04
CA ALA B 328 -0.86 -17.45 21.66
C ALA B 328 -0.08 -16.76 22.79
N GLN B 329 0.24 -15.48 22.59
CA GLN B 329 1.01 -14.73 23.59
C GLN B 329 0.16 -14.44 24.81
N HIS B 330 -1.09 -14.05 24.57
CA HIS B 330 -2.00 -13.75 25.66
C HIS B 330 -2.26 -15.00 26.51
N LEU B 331 -2.51 -16.12 25.83
CA LEU B 331 -2.74 -17.39 26.52
C LEU B 331 -1.51 -17.81 27.33
N ALA B 332 -0.33 -17.71 26.73
CA ALA B 332 0.91 -18.03 27.44
C ALA B 332 1.00 -17.29 28.77
N ASN B 333 0.63 -16.02 28.79
CA ASN B 333 0.64 -15.24 30.01
C ASN B 333 -0.31 -15.87 31.03
N ARG B 334 -1.46 -16.33 30.54
CA ARG B 334 -2.46 -16.95 31.40
C ARG B 334 -1.95 -18.26 32.01
N LEU B 335 -1.12 -18.98 31.26
CA LEU B 335 -0.56 -20.24 31.71
C LEU B 335 0.70 -20.05 32.54
N GLY B 336 0.91 -18.82 33.02
CA GLY B 336 2.05 -18.52 33.86
C GLY B 336 3.39 -18.24 33.20
N VAL B 337 3.39 -18.02 31.89
CA VAL B 337 4.63 -17.71 31.17
C VAL B 337 4.57 -16.26 30.69
N PRO B 338 5.04 -15.32 31.53
CA PRO B 338 5.00 -13.89 31.21
C PRO B 338 5.51 -13.60 29.81
N THR B 339 4.63 -13.03 28.97
CA THR B 339 4.95 -12.72 27.59
C THR B 339 4.35 -11.40 27.15
N LYS B 340 5.04 -10.71 26.25
CA LYS B 340 4.55 -9.46 25.70
C LYS B 340 3.47 -9.80 24.67
N VAL B 341 2.33 -9.14 24.78
CA VAL B 341 1.22 -9.36 23.87
C VAL B 341 1.23 -8.21 22.86
N ASP B 342 1.54 -8.54 21.60
CA ASP B 342 1.58 -7.56 20.51
C ASP B 342 0.26 -6.82 20.34
N LYS B 343 0.34 -5.58 19.88
CA LYS B 343 -0.84 -4.77 19.66
C LYS B 343 -1.40 -5.02 18.27
N TYR B 344 -2.71 -5.17 18.17
CA TYR B 344 -3.35 -5.40 16.88
C TYR B 344 -3.59 -4.06 16.18
N TYR B 345 -3.42 -4.04 14.87
CA TYR B 345 -3.65 -2.81 14.09
C TYR B 345 -4.60 -3.08 12.95
N PRO B 346 -5.48 -2.12 12.64
CA PRO B 346 -6.30 -2.33 11.44
C PRO B 346 -5.38 -2.10 10.21
N THR B 347 -5.70 -2.70 9.06
CA THR B 347 -4.84 -2.54 7.89
C THR B 347 -4.84 -1.16 7.23
N ILE B 348 -5.94 -0.42 7.36
CA ILE B 348 -6.06 0.93 6.80
C ILE B 348 -6.31 0.91 5.29
N VAL B 349 -5.38 0.31 4.54
CA VAL B 349 -5.52 0.19 3.10
C VAL B 349 -4.81 -1.05 2.55
N CYS B 350 -5.36 -1.62 1.49
N CYS B 350 -5.37 -1.65 1.50
CA CYS B 350 -4.77 -2.78 0.83
CA CYS B 350 -4.76 -2.82 0.88
C CYS B 350 -3.72 -2.26 -0.14
C CYS B 350 -3.75 -2.35 -0.17
N VAL B 351 -2.47 -2.71 0.02
CA VAL B 351 -1.39 -2.27 -0.86
C VAL B 351 -1.57 -2.60 -2.36
N ALA B 352 -2.42 -3.58 -2.64
CA ALA B 352 -2.71 -3.99 -4.02
C ALA B 352 -3.51 -2.92 -4.78
N ASP B 353 -3.96 -1.90 -4.04
CA ASP B 353 -4.71 -0.79 -4.62
C ASP B 353 -3.76 0.06 -5.47
N ASN B 354 -2.48 0.01 -5.10
CA ASN B 354 -1.43 0.74 -5.80
C ASN B 354 -0.93 -0.09 -6.98
N PRO B 355 -1.14 0.38 -8.22
CA PRO B 355 -0.74 -0.41 -9.39
C PRO B 355 0.78 -0.64 -9.48
N TYR B 356 1.57 0.23 -8.87
CA TYR B 356 3.02 0.08 -8.87
C TYR B 356 3.48 -1.03 -7.93
N GLU B 357 2.53 -1.64 -7.21
CA GLU B 357 2.82 -2.71 -6.26
C GLU B 357 3.03 -4.05 -6.97
#